data_3G42
#
_entry.id   3G42
#
_cell.length_a   163.846
_cell.length_b   51.330
_cell.length_c   132.741
_cell.angle_alpha   90.00
_cell.angle_beta   102.64
_cell.angle_gamma   90.00
#
_symmetry.space_group_name_H-M   'C 1 2 1'
#
loop_
_entity.id
_entity.type
_entity.pdbx_description
1 polymer 'ADAM 17'
2 non-polymer N-{[4-(but-2-yn-1-yloxy)phenyl]sulfonyl}-5-methyl-D-tryptophan
3 non-polymer 'ZINC ION'
4 water water
#
_entity_poly.entity_id   1
_entity_poly.type   'polypeptide(L)'
_entity_poly.pdbx_seq_one_letter_code
;VKRRADPDPMKNTCKLLVVADHRFYRYMGRGEESTTTNYLIELIDRVDDIYRNTAWDNAGFKGYGIQIEQIRILKSPQEV
KPGEKHYNMAKSYPNEEKDAWDVKMLLEQFSFDIAEEASKVCLAHLFTYQDFDMGTLGLAYVGSPRANSHGGVCPKAYYS
PVGKKNIYLNSGLTSTKNYGKTILTKEADLVTTHELGHNFGAEHDPDGLAECAPNEDQGGKYVMYPIAVSGDHENNKMFS
QCSKQSIYKTIESKAQECFQERSNKVCGNSRVDEGEECDPGSHHHHHH
;
_entity_poly.pdbx_strand_id   A,B,C,D
#
loop_
_chem_comp.id
_chem_comp.type
_chem_comp.name
_chem_comp.formula
792 non-polymer N-{[4-(but-2-yn-1-yloxy)phenyl]sulfonyl}-5-methyl-D-tryptophan 'C22 H22 N2 O5 S'
ZN non-polymer 'ZINC ION' 'Zn 2'
#
# COMPACT_ATOMS: atom_id res chain seq x y z
N MET A 10 4.01 1.19 13.58
CA MET A 10 4.50 -0.03 14.27
C MET A 10 3.56 -0.34 15.44
N LYS A 11 4.09 -0.24 16.65
CA LYS A 11 3.34 -0.45 17.90
C LYS A 11 3.48 0.88 18.64
N ASN A 12 2.69 1.86 18.21
CA ASN A 12 2.76 3.20 18.76
C ASN A 12 1.43 3.70 19.33
N THR A 13 0.52 2.78 19.59
CA THR A 13 -0.77 3.19 20.10
C THR A 13 -1.21 2.45 21.36
N CYS A 14 -1.60 3.22 22.36
CA CYS A 14 -2.09 2.68 23.64
C CYS A 14 -3.63 2.59 23.57
N LYS A 15 -4.13 1.38 23.34
CA LYS A 15 -5.58 1.14 23.22
C LYS A 15 -6.25 1.33 24.57
N LEU A 16 -7.43 1.93 24.56
CA LEU A 16 -8.13 2.22 25.80
C LEU A 16 -9.48 1.57 25.99
N LEU A 17 -9.79 1.33 27.26
CA LEU A 17 -11.09 0.83 27.66
C LEU A 17 -11.64 2.11 28.27
N VAL A 18 -12.71 2.64 27.69
CA VAL A 18 -13.32 3.87 28.18
C VAL A 18 -14.66 3.52 28.81
N VAL A 19 -14.85 3.97 30.05
CA VAL A 19 -16.09 3.71 30.78
C VAL A 19 -16.75 4.98 31.28
N ALA A 20 -18.04 5.11 31.00
CA ALA A 20 -18.82 6.26 31.45
C ALA A 20 -19.83 5.71 32.46
N ASP A 21 -19.89 6.30 33.65
CA ASP A 21 -20.84 5.82 34.64
C ASP A 21 -22.23 6.44 34.40
N HIS A 22 -23.19 6.11 35.25
CA HIS A 22 -24.54 6.63 35.08
C HIS A 22 -24.64 8.14 35.24
N ARG A 23 -23.75 8.74 36.03
CA ARG A 23 -23.76 10.18 36.25
C ARG A 23 -23.35 10.87 34.95
N PHE A 24 -22.25 10.42 34.37
CA PHE A 24 -21.79 11.01 33.14
C PHE A 24 -22.84 10.83 32.05
N TYR A 25 -23.48 9.66 32.06
CA TYR A 25 -24.52 9.36 31.09
C TYR A 25 -25.67 10.36 31.19
N ARG A 26 -26.20 10.51 32.39
CA ARG A 26 -27.33 11.41 32.59
C ARG A 26 -27.01 12.89 32.41
N TYR A 27 -25.97 13.38 33.06
CA TYR A 27 -25.65 14.79 32.99
C TYR A 27 -24.85 15.31 31.81
N MET A 28 -23.91 14.51 31.30
CA MET A 28 -23.13 14.94 30.15
C MET A 28 -23.73 14.41 28.86
N GLY A 29 -24.26 13.19 28.89
CA GLY A 29 -24.83 12.58 27.70
C GLY A 29 -26.31 12.77 27.46
N ARG A 30 -27.00 13.42 28.39
CA ARG A 30 -28.43 13.67 28.27
C ARG A 30 -29.27 12.41 28.27
N GLY A 31 -28.77 11.36 28.93
CA GLY A 31 -29.50 10.11 29.00
C GLY A 31 -29.56 9.43 27.64
N GLU A 32 -28.69 9.84 26.73
CA GLU A 32 -28.63 9.25 25.40
C GLU A 32 -27.30 8.53 25.21
N GLU A 33 -27.37 7.27 24.78
CA GLU A 33 -26.16 6.49 24.56
C GLU A 33 -25.37 7.09 23.42
N SER A 34 -26.09 7.50 22.37
CA SER A 34 -25.47 8.11 21.21
C SER A 34 -24.67 9.34 21.62
N THR A 35 -25.34 10.28 22.28
CA THR A 35 -24.70 11.51 22.75
C THR A 35 -23.49 11.28 23.65
N THR A 36 -23.65 10.44 24.67
CA THR A 36 -22.56 10.14 25.60
C THR A 36 -21.39 9.55 24.82
N THR A 37 -21.68 8.56 24.00
CA THR A 37 -20.67 7.89 23.18
C THR A 37 -19.90 8.85 22.27
N ASN A 38 -20.62 9.67 21.51
CA ASN A 38 -19.96 10.61 20.61
C ASN A 38 -19.09 11.61 21.34
N TYR A 39 -19.54 12.03 22.52
CA TYR A 39 -18.78 12.99 23.31
C TYR A 39 -17.43 12.43 23.72
N LEU A 40 -17.43 11.19 24.20
CA LEU A 40 -16.21 10.52 24.64
C LEU A 40 -15.29 10.27 23.44
N ILE A 41 -15.87 9.77 22.34
CA ILE A 41 -15.10 9.50 21.15
C ILE A 41 -14.41 10.78 20.68
N GLU A 42 -15.14 11.88 20.68
CA GLU A 42 -14.55 13.14 20.25
C GLU A 42 -13.48 13.64 21.23
N LEU A 43 -13.75 13.54 22.53
CA LEU A 43 -12.77 14.00 23.51
C LEU A 43 -11.46 13.21 23.39
N ILE A 44 -11.54 11.88 23.35
CA ILE A 44 -10.32 11.08 23.21
C ILE A 44 -9.53 11.42 21.96
N ASP A 45 -10.24 11.69 20.86
CA ASP A 45 -9.59 12.03 19.61
C ASP A 45 -8.85 13.36 19.74
N ARG A 46 -9.46 14.32 20.45
CA ARG A 46 -8.81 15.62 20.64
C ARG A 46 -7.58 15.45 21.54
N VAL A 47 -7.71 14.61 22.56
CA VAL A 47 -6.59 14.36 23.45
C VAL A 47 -5.51 13.65 22.65
N ASP A 48 -5.93 12.75 21.76
CA ASP A 48 -5.00 12.00 20.92
C ASP A 48 -4.17 12.95 20.04
N ASP A 49 -4.80 14.03 19.56
CA ASP A 49 -4.08 14.99 18.73
C ASP A 49 -2.90 15.59 19.46
N ILE A 50 -3.08 15.88 20.75
CA ILE A 50 -2.03 16.44 21.58
C ILE A 50 -0.89 15.42 21.72
N TYR A 51 -1.23 14.18 22.02
CA TYR A 51 -0.23 13.12 22.18
C TYR A 51 0.49 12.80 20.87
N ARG A 52 -0.28 12.55 19.82
CA ARG A 52 0.30 12.20 18.52
C ARG A 52 1.24 13.25 17.97
N ASN A 53 0.94 14.52 18.20
CA ASN A 53 1.78 15.58 17.66
C ASN A 53 2.93 16.00 18.57
N THR A 54 3.04 15.35 19.73
CA THR A 54 4.12 15.67 20.66
C THR A 54 5.37 14.88 20.28
N ALA A 55 6.49 15.57 20.17
CA ALA A 55 7.77 14.94 19.85
C ALA A 55 8.48 14.71 21.18
N TRP A 56 8.29 13.52 21.73
CA TRP A 56 8.85 13.16 23.03
C TRP A 56 10.35 13.37 23.16
N ASP A 57 11.06 13.27 22.04
CA ASP A 57 12.50 13.47 22.04
C ASP A 57 12.81 14.74 21.26
N ASN A 58 11.79 15.57 21.10
CA ASN A 58 11.94 16.83 20.37
C ASN A 58 12.48 16.62 18.96
N ALA A 59 12.54 15.36 18.52
CA ALA A 59 13.05 15.05 17.20
C ALA A 59 12.08 14.19 16.41
N GLY A 60 12.37 12.90 16.30
CA GLY A 60 11.50 12.03 15.53
C GLY A 60 10.63 11.05 16.30
N PHE A 61 10.86 10.92 17.60
CA PHE A 61 10.05 10.00 18.39
C PHE A 61 8.67 10.64 18.61
N LYS A 62 7.81 10.51 17.61
CA LYS A 62 6.48 11.08 17.65
C LYS A 62 5.47 10.10 17.05
N GLY A 63 4.21 10.51 17.03
CA GLY A 63 3.17 9.65 16.47
C GLY A 63 2.61 8.65 17.47
N TYR A 64 2.98 8.78 18.74
CA TYR A 64 2.45 7.87 19.75
C TYR A 64 1.21 8.51 20.35
N GLY A 65 0.15 7.73 20.45
CA GLY A 65 -1.08 8.29 20.98
C GLY A 65 -1.98 7.27 21.61
N ILE A 66 -3.27 7.56 21.59
CA ILE A 66 -4.28 6.70 22.19
C ILE A 66 -5.43 6.48 21.23
N GLN A 67 -6.15 5.40 21.45
CA GLN A 67 -7.29 5.08 20.63
C GLN A 67 -8.19 4.18 21.45
N ILE A 68 -9.49 4.42 21.37
CA ILE A 68 -10.45 3.63 22.12
C ILE A 68 -10.62 2.24 21.55
N GLU A 69 -10.39 1.24 22.39
CA GLU A 69 -10.53 -0.15 21.99
C GLU A 69 -11.98 -0.56 22.25
N GLN A 70 -12.51 -0.14 23.41
CA GLN A 70 -13.88 -0.48 23.77
C GLN A 70 -14.51 0.62 24.62
N ILE A 71 -15.78 0.91 24.35
CA ILE A 71 -16.52 1.91 25.09
C ILE A 71 -17.67 1.24 25.83
N ARG A 72 -17.81 1.53 27.12
CA ARG A 72 -18.88 0.97 27.92
C ARG A 72 -19.67 2.08 28.59
N ILE A 73 -20.96 2.17 28.26
CA ILE A 73 -21.84 3.20 28.82
C ILE A 73 -22.78 2.56 29.83
N LEU A 74 -22.59 2.90 31.11
CA LEU A 74 -23.43 2.36 32.17
C LEU A 74 -24.64 3.28 32.38
N LYS A 75 -25.69 3.07 31.59
CA LYS A 75 -26.91 3.88 31.61
C LYS A 75 -27.55 4.14 32.96
N SER A 76 -27.56 3.14 33.84
CA SER A 76 -28.16 3.34 35.16
C SER A 76 -27.19 2.88 36.23
N PRO A 77 -27.42 3.31 37.48
CA PRO A 77 -26.55 2.92 38.58
C PRO A 77 -26.49 1.41 38.76
N GLN A 78 -25.56 0.96 39.59
CA GLN A 78 -25.38 -0.47 39.84
C GLN A 78 -26.14 -0.91 41.07
N GLU A 79 -27.13 -1.79 40.89
CA GLU A 79 -27.90 -2.30 42.02
C GLU A 79 -26.92 -2.97 42.97
N VAL A 80 -26.77 -2.40 44.16
CA VAL A 80 -25.84 -2.91 45.17
C VAL A 80 -26.65 -3.40 46.38
N LYS A 81 -25.99 -4.14 47.27
CA LYS A 81 -26.63 -4.64 48.48
C LYS A 81 -26.07 -3.83 49.65
N PRO A 82 -26.50 -4.11 50.89
CA PRO A 82 -26.03 -3.40 52.07
C PRO A 82 -24.55 -3.03 52.17
N GLY A 83 -23.79 -3.80 52.93
CA GLY A 83 -22.36 -3.52 53.13
C GLY A 83 -21.38 -3.59 51.97
N GLU A 84 -21.85 -3.69 50.73
CA GLU A 84 -20.95 -3.77 49.57
C GLU A 84 -20.96 -2.47 48.75
N LYS A 85 -19.86 -2.20 48.06
CA LYS A 85 -19.74 -0.98 47.24
C LYS A 85 -19.24 -1.25 45.82
N HIS A 86 -19.74 -0.47 44.87
CA HIS A 86 -19.39 -0.57 43.45
C HIS A 86 -19.17 0.84 42.89
N TYR A 87 -18.17 1.00 42.02
CA TYR A 87 -17.86 2.30 41.45
C TYR A 87 -19.01 2.96 40.70
N ASN A 88 -19.97 2.17 40.24
CA ASN A 88 -21.10 2.72 39.51
C ASN A 88 -22.37 2.77 40.37
N MET A 89 -22.22 2.59 41.67
CA MET A 89 -23.36 2.60 42.58
C MET A 89 -23.98 4.00 42.70
N ALA A 90 -25.32 4.02 42.69
CA ALA A 90 -26.09 5.25 42.78
C ALA A 90 -25.53 6.27 43.77
N LYS A 91 -25.19 5.82 44.97
CA LYS A 91 -24.68 6.72 45.98
C LYS A 91 -23.17 6.80 46.08
N SER A 92 -22.70 7.87 46.71
CA SER A 92 -21.29 8.15 46.90
C SER A 92 -20.76 7.57 48.19
N TYR A 93 -19.48 7.25 48.19
CA TYR A 93 -18.83 6.69 49.38
C TYR A 93 -17.62 7.54 49.73
N PRO A 94 -17.46 7.90 51.01
CA PRO A 94 -18.34 7.56 52.15
C PRO A 94 -19.58 8.45 52.34
N ASN A 95 -19.49 9.72 51.96
CA ASN A 95 -20.61 10.64 52.13
C ASN A 95 -21.49 10.70 50.90
N GLU A 96 -22.60 9.99 50.94
CA GLU A 96 -23.52 9.98 49.80
C GLU A 96 -24.12 11.36 49.58
N GLU A 97 -24.36 12.07 50.69
CA GLU A 97 -24.94 13.40 50.65
C GLU A 97 -24.21 14.31 49.65
N LYS A 98 -22.91 14.08 49.49
CA LYS A 98 -22.08 14.86 48.58
C LYS A 98 -22.20 14.46 47.10
N ASP A 99 -22.67 13.24 46.88
CA ASP A 99 -22.76 12.66 45.54
C ASP A 99 -21.42 12.84 44.82
N ALA A 100 -20.36 12.65 45.58
CA ALA A 100 -18.99 12.73 45.09
C ALA A 100 -18.11 11.92 46.04
N TRP A 101 -17.55 10.83 45.54
CA TRP A 101 -16.69 9.95 46.31
C TRP A 101 -15.40 10.63 46.71
N ASP A 102 -14.63 9.93 47.52
CA ASP A 102 -13.30 10.38 47.89
C ASP A 102 -12.65 9.88 46.59
N VAL A 103 -12.06 10.79 45.82
CA VAL A 103 -11.46 10.44 44.53
C VAL A 103 -10.50 9.26 44.54
N LYS A 104 -9.71 9.14 45.59
CA LYS A 104 -8.72 8.06 45.72
C LYS A 104 -9.41 6.71 45.90
N MET A 105 -10.41 6.67 46.77
CA MET A 105 -11.14 5.44 47.01
C MET A 105 -11.89 5.06 45.75
N LEU A 106 -12.39 6.07 45.04
CA LEU A 106 -13.12 5.82 43.81
C LEU A 106 -12.24 5.21 42.73
N LEU A 107 -11.01 5.69 42.60
CA LEU A 107 -10.13 5.15 41.58
C LEU A 107 -9.78 3.72 41.92
N GLU A 108 -9.58 3.44 43.20
CA GLU A 108 -9.26 2.09 43.63
C GLU A 108 -10.44 1.15 43.38
N GLN A 109 -11.65 1.62 43.69
CA GLN A 109 -12.86 0.81 43.47
C GLN A 109 -13.03 0.45 42.01
N PHE A 110 -12.85 1.45 41.14
CA PHE A 110 -12.97 1.24 39.70
C PHE A 110 -11.94 0.19 39.26
N SER A 111 -10.72 0.31 39.77
CA SER A 111 -9.66 -0.64 39.42
C SER A 111 -10.06 -2.06 39.84
N PHE A 112 -10.65 -2.17 41.02
CA PHE A 112 -11.08 -3.47 41.54
C PHE A 112 -12.16 -4.08 40.67
N ASP A 113 -13.24 -3.32 40.46
CA ASP A 113 -14.38 -3.76 39.67
C ASP A 113 -14.11 -3.97 38.18
N ILE A 114 -13.12 -3.28 37.63
CA ILE A 114 -12.85 -3.40 36.20
C ILE A 114 -11.64 -4.27 35.85
N ALA A 115 -11.05 -4.88 36.87
CA ALA A 115 -9.85 -5.72 36.70
C ALA A 115 -9.84 -6.60 35.47
N GLU A 116 -10.84 -7.47 35.35
CA GLU A 116 -10.90 -8.39 34.22
C GLU A 116 -10.70 -7.72 32.87
N GLU A 117 -11.46 -6.64 32.61
CA GLU A 117 -11.34 -5.95 31.33
C GLU A 117 -10.03 -5.16 31.20
N ALA A 118 -9.58 -4.58 32.31
CA ALA A 118 -8.35 -3.79 32.32
C ALA A 118 -7.12 -4.60 31.93
N SER A 119 -7.16 -5.89 32.24
CA SER A 119 -6.04 -6.78 31.94
C SER A 119 -5.88 -6.95 30.44
N LYS A 120 -6.90 -6.55 29.69
CA LYS A 120 -6.89 -6.69 28.23
C LYS A 120 -6.56 -5.43 27.46
N VAL A 121 -6.30 -4.34 28.18
CA VAL A 121 -6.00 -3.08 27.48
C VAL A 121 -4.82 -2.33 28.09
N CYS A 122 -4.21 -1.47 27.28
CA CYS A 122 -3.09 -0.66 27.73
C CYS A 122 -3.53 0.21 28.93
N LEU A 123 -4.69 0.85 28.81
CA LEU A 123 -5.22 1.70 29.87
C LEU A 123 -6.75 1.64 29.95
N ALA A 124 -7.28 1.88 31.15
CA ALA A 124 -8.72 1.90 31.40
C ALA A 124 -9.00 3.26 32.02
N HIS A 125 -10.00 3.96 31.50
CA HIS A 125 -10.32 5.29 32.01
C HIS A 125 -11.81 5.45 32.27
N LEU A 126 -12.11 5.96 33.45
CA LEU A 126 -13.48 6.20 33.90
C LEU A 126 -13.88 7.67 33.78
N PHE A 127 -15.02 7.94 33.15
CA PHE A 127 -15.52 9.30 33.05
C PHE A 127 -16.76 9.40 33.92
N THR A 128 -16.78 10.39 34.80
CA THR A 128 -17.90 10.56 35.69
C THR A 128 -18.30 12.04 35.77
N TYR A 129 -19.30 12.33 36.61
CA TYR A 129 -19.79 13.69 36.80
C TYR A 129 -19.99 13.85 38.30
N GLN A 130 -18.89 14.07 39.01
CA GLN A 130 -18.91 14.21 40.46
C GLN A 130 -18.09 15.43 40.87
N ASP A 131 -18.64 16.22 41.80
CA ASP A 131 -17.96 17.41 42.27
C ASP A 131 -17.06 17.04 43.45
N PHE A 132 -15.85 16.57 43.15
CA PHE A 132 -14.90 16.18 44.18
C PHE A 132 -14.44 17.38 44.99
N ASP A 133 -14.10 17.15 46.26
CA ASP A 133 -13.62 18.20 47.15
C ASP A 133 -12.37 18.88 46.60
N MET A 134 -12.15 20.11 47.06
CA MET A 134 -11.00 20.93 46.69
C MET A 134 -10.68 21.03 45.20
N GLY A 135 -11.69 21.29 44.39
CA GLY A 135 -11.50 21.44 42.96
C GLY A 135 -10.82 20.29 42.24
N THR A 136 -10.83 19.09 42.83
CA THR A 136 -10.19 17.93 42.19
C THR A 136 -11.04 17.48 41.00
N LEU A 137 -10.38 17.27 39.86
CA LEU A 137 -11.05 16.87 38.64
C LEU A 137 -10.72 15.47 38.16
N GLY A 138 -9.65 14.89 38.70
CA GLY A 138 -9.29 13.55 38.28
C GLY A 138 -8.17 12.93 39.09
N LEU A 139 -7.80 11.71 38.72
CA LEU A 139 -6.74 11.00 39.39
C LEU A 139 -6.31 9.82 38.52
N ALA A 140 -5.05 9.44 38.62
CA ALA A 140 -4.51 8.33 37.84
C ALA A 140 -3.17 7.87 38.41
N TYR A 141 -2.89 6.58 38.28
CA TYR A 141 -1.62 6.02 38.75
C TYR A 141 -0.52 6.42 37.79
N VAL A 142 0.66 6.75 38.31
CA VAL A 142 1.76 7.16 37.45
C VAL A 142 2.48 5.96 36.86
N GLY A 143 2.74 6.01 35.56
CA GLY A 143 3.42 4.92 34.88
C GLY A 143 4.91 4.93 35.15
N SER A 144 5.61 3.97 34.55
CA SER A 144 7.05 3.87 34.76
C SER A 144 7.66 2.99 33.68
N PRO A 145 8.96 3.17 33.42
CA PRO A 145 9.61 2.35 32.39
C PRO A 145 9.87 0.92 32.88
N ARG A 146 9.87 0.75 34.20
CA ARG A 146 10.08 -0.56 34.82
C ARG A 146 8.92 -1.52 34.62
N ALA A 147 9.22 -2.70 34.09
CA ALA A 147 8.21 -3.73 33.81
C ALA A 147 7.41 -4.19 35.03
N ASN A 148 8.07 -4.30 36.17
CA ASN A 148 7.38 -4.75 37.39
C ASN A 148 6.72 -3.65 38.20
N SER A 149 6.65 -2.44 37.65
CA SER A 149 6.00 -1.32 38.32
C SER A 149 4.57 -1.33 37.79
N HIS A 150 3.61 -1.58 38.67
CA HIS A 150 2.20 -1.71 38.30
C HIS A 150 1.46 -0.51 37.70
N GLY A 151 1.64 0.66 38.30
CA GLY A 151 0.95 1.84 37.81
C GLY A 151 1.12 2.23 36.36
N GLY A 152 0.15 2.98 35.86
CA GLY A 152 0.22 3.47 34.49
C GLY A 152 0.07 2.49 33.36
N VAL A 153 0.53 2.91 32.19
CA VAL A 153 0.44 2.10 30.98
C VAL A 153 0.88 0.65 31.14
N CYS A 154 0.08 -0.22 30.53
CA CYS A 154 0.28 -1.67 30.52
C CYS A 154 -0.25 -2.41 31.75
N PRO A 155 -1.03 -3.48 31.53
CA PRO A 155 -1.56 -4.23 32.67
C PRO A 155 -0.52 -5.14 33.31
N LYS A 156 -0.43 -5.08 34.64
CA LYS A 156 0.49 -5.91 35.40
C LYS A 156 -0.23 -6.21 36.72
N ALA A 157 -0.71 -7.45 36.83
CA ALA A 157 -1.46 -7.88 38.00
C ALA A 157 -0.81 -7.47 39.31
N TYR A 158 -1.60 -6.81 40.14
CA TYR A 158 -1.16 -6.37 41.45
C TYR A 158 -2.13 -7.04 42.40
N TYR A 159 -1.62 -7.92 43.26
CA TYR A 159 -2.51 -8.59 44.21
C TYR A 159 -2.87 -7.59 45.30
N SER A 160 -4.16 -7.34 45.44
CA SER A 160 -4.66 -6.41 46.45
C SER A 160 -4.94 -7.17 47.73
N PRO A 161 -4.10 -7.00 48.75
CA PRO A 161 -4.26 -7.68 50.05
C PRO A 161 -5.69 -7.57 50.57
N VAL A 162 -6.24 -6.36 50.56
CA VAL A 162 -7.60 -6.13 51.04
C VAL A 162 -8.64 -6.61 50.03
N GLY A 163 -8.40 -6.34 48.74
CA GLY A 163 -9.33 -6.75 47.71
C GLY A 163 -9.44 -8.26 47.57
N LYS A 164 -8.42 -8.96 48.04
CA LYS A 164 -8.40 -10.42 47.97
C LYS A 164 -8.36 -10.91 46.52
N LYS A 165 -7.80 -10.09 45.63
CA LYS A 165 -7.71 -10.49 44.23
C LYS A 165 -6.74 -9.64 43.44
N ASN A 166 -6.47 -10.07 42.21
CA ASN A 166 -5.57 -9.35 41.33
C ASN A 166 -6.27 -8.20 40.63
N ILE A 167 -5.65 -7.03 40.69
CA ILE A 167 -6.21 -5.86 40.03
C ILE A 167 -5.12 -5.22 39.20
N TYR A 168 -5.50 -4.24 38.39
CA TYR A 168 -4.53 -3.58 37.54
C TYR A 168 -4.55 -2.09 37.79
N LEU A 169 -3.37 -1.50 37.92
CA LEU A 169 -3.29 -0.08 38.20
C LEU A 169 -2.99 0.77 36.97
N ASN A 170 -3.40 0.27 35.79
CA ASN A 170 -3.24 0.96 34.52
C ASN A 170 -4.55 1.71 34.33
N SER A 171 -4.89 2.53 35.32
CA SER A 171 -6.16 3.24 35.29
C SER A 171 -6.12 4.71 35.68
N GLY A 172 -7.24 5.37 35.46
CA GLY A 172 -7.38 6.77 35.78
C GLY A 172 -8.83 7.17 35.59
N LEU A 173 -9.20 8.36 36.05
CA LEU A 173 -10.57 8.83 35.91
C LEU A 173 -10.60 10.33 35.71
N THR A 174 -11.70 10.79 35.11
CA THR A 174 -11.94 12.19 34.81
C THR A 174 -13.38 12.53 35.19
N SER A 175 -13.57 13.69 35.82
CA SER A 175 -14.90 14.16 36.17
C SER A 175 -15.08 15.51 35.49
N THR A 176 -16.24 15.73 34.87
CA THR A 176 -16.50 17.00 34.21
C THR A 176 -17.40 17.94 35.03
N LYS A 177 -17.46 17.71 36.34
CA LYS A 177 -18.25 18.59 37.22
C LYS A 177 -17.30 19.17 38.26
N ASN A 178 -17.41 20.48 38.49
CA ASN A 178 -16.57 21.17 39.46
C ASN A 178 -17.32 22.41 39.93
N TYR A 179 -17.36 22.60 41.25
CA TYR A 179 -18.05 23.72 41.86
C TYR A 179 -19.48 23.90 41.37
N GLY A 180 -20.24 22.81 41.44
CA GLY A 180 -21.64 22.84 41.04
C GLY A 180 -21.97 22.98 39.57
N LYS A 181 -20.97 23.04 38.70
CA LYS A 181 -21.28 23.15 37.29
C LYS A 181 -20.39 22.33 36.37
N THR A 182 -20.84 22.21 35.13
CA THR A 182 -20.11 21.45 34.11
C THR A 182 -18.93 22.29 33.69
N ILE A 183 -17.74 21.69 33.64
CA ILE A 183 -16.54 22.41 33.24
C ILE A 183 -16.57 22.62 31.74
N LEU A 184 -15.65 23.43 31.25
CA LEU A 184 -15.60 23.71 29.82
C LEU A 184 -15.08 22.51 29.04
N THR A 185 -15.48 22.41 27.78
CA THR A 185 -15.02 21.33 26.92
C THR A 185 -13.50 21.38 26.86
N LYS A 186 -12.94 22.58 26.69
CA LYS A 186 -11.50 22.69 26.59
C LYS A 186 -10.81 22.30 27.89
N GLU A 187 -11.51 22.45 29.01
CA GLU A 187 -10.95 22.07 30.31
C GLU A 187 -11.03 20.55 30.46
N ALA A 188 -12.12 19.96 29.98
CA ALA A 188 -12.29 18.51 30.06
C ALA A 188 -11.13 17.83 29.34
N ASP A 189 -10.85 18.28 28.11
CA ASP A 189 -9.76 17.72 27.32
C ASP A 189 -8.43 17.70 28.09
N LEU A 190 -8.18 18.77 28.83
CA LEU A 190 -6.94 18.88 29.59
C LEU A 190 -6.89 18.02 30.84
N VAL A 191 -8.04 17.78 31.47
CA VAL A 191 -8.05 16.92 32.65
C VAL A 191 -7.62 15.53 32.19
N THR A 192 -8.25 15.03 31.13
CA THR A 192 -7.91 13.70 30.61
C THR A 192 -6.48 13.62 30.06
N THR A 193 -6.04 14.68 29.38
CA THR A 193 -4.67 14.68 28.85
C THR A 193 -3.73 14.53 30.04
N HIS A 194 -4.01 15.31 31.08
CA HIS A 194 -3.21 15.33 32.30
C HIS A 194 -3.21 13.99 33.03
N GLU A 195 -4.38 13.38 33.21
CA GLU A 195 -4.47 12.08 33.89
C GLU A 195 -3.78 10.99 33.08
N LEU A 196 -4.02 10.99 31.76
CA LEU A 196 -3.38 10.02 30.89
C LEU A 196 -1.88 10.31 30.96
N GLY A 197 -1.56 11.58 31.22
CA GLY A 197 -0.16 12.00 31.31
C GLY A 197 0.55 11.28 32.43
N HIS A 198 -0.14 11.19 33.58
CA HIS A 198 0.39 10.49 34.73
C HIS A 198 0.57 9.02 34.32
N ASN A 199 -0.47 8.46 33.71
CA ASN A 199 -0.45 7.07 33.24
C ASN A 199 0.78 6.83 32.35
N PHE A 200 1.06 7.78 31.45
CA PHE A 200 2.18 7.68 30.54
C PHE A 200 3.54 7.90 31.20
N GLY A 201 3.54 8.11 32.51
CA GLY A 201 4.80 8.29 33.21
C GLY A 201 5.17 9.68 33.71
N ALA A 202 4.37 10.69 33.37
CA ALA A 202 4.69 12.04 33.79
C ALA A 202 4.31 12.36 35.24
N GLU A 203 5.22 13.05 35.93
CA GLU A 203 4.98 13.48 37.30
C GLU A 203 4.58 14.95 37.11
N HIS A 204 4.32 15.64 38.21
CA HIS A 204 3.95 17.04 38.12
C HIS A 204 5.14 17.94 37.78
N ASP A 205 4.90 18.96 36.97
CA ASP A 205 5.96 19.88 36.59
C ASP A 205 6.48 20.58 37.84
N PRO A 206 7.82 20.61 38.02
CA PRO A 206 8.41 21.25 39.18
C PRO A 206 8.00 22.72 39.20
N ASP A 207 7.30 23.13 40.26
CA ASP A 207 6.86 24.51 40.37
C ASP A 207 8.05 25.44 40.62
N GLY A 208 9.25 24.88 40.47
CA GLY A 208 10.45 25.68 40.68
C GLY A 208 11.11 25.96 39.35
N LEU A 209 11.56 24.91 38.69
CA LEU A 209 12.23 25.04 37.40
C LEU A 209 11.32 25.78 36.42
N ALA A 210 11.60 27.07 36.23
CA ALA A 210 10.82 27.90 35.33
C ALA A 210 10.79 27.36 33.90
N GLU A 211 11.69 26.45 33.60
CA GLU A 211 11.76 25.85 32.27
C GLU A 211 10.49 25.03 32.04
N CYS A 212 9.99 24.42 33.12
CA CYS A 212 8.79 23.57 33.04
C CYS A 212 7.54 24.19 33.65
N ALA A 213 7.65 25.41 34.13
CA ALA A 213 6.51 26.12 34.72
C ALA A 213 6.59 27.60 34.43
N PRO A 214 6.51 28.00 33.14
CA PRO A 214 6.59 29.38 32.69
C PRO A 214 5.53 30.32 33.26
N ASN A 215 5.86 31.61 33.30
CA ASN A 215 4.95 32.64 33.76
C ASN A 215 3.94 32.88 32.63
N GLU A 216 2.81 33.48 32.96
CA GLU A 216 1.79 33.76 31.95
C GLU A 216 2.31 34.52 30.74
N ASP A 217 3.26 35.43 30.95
CA ASP A 217 3.82 36.20 29.85
C ASP A 217 4.79 35.37 29.00
N GLN A 218 5.03 34.13 29.42
CA GLN A 218 5.93 33.23 28.69
C GLN A 218 5.13 32.13 28.01
N GLY A 219 3.81 32.21 28.10
CA GLY A 219 2.96 31.21 27.48
C GLY A 219 2.18 30.40 28.51
N GLY A 220 2.42 30.67 29.78
CA GLY A 220 1.71 29.95 30.83
C GLY A 220 2.28 28.58 31.16
N LYS A 221 1.60 27.91 32.07
CA LYS A 221 2.01 26.58 32.53
C LYS A 221 1.73 25.49 31.50
N TYR A 222 2.42 24.37 31.65
CA TYR A 222 2.21 23.24 30.76
C TYR A 222 1.13 22.35 31.37
N VAL A 223 0.57 21.45 30.57
CA VAL A 223 -0.51 20.60 31.04
C VAL A 223 -0.28 19.80 32.33
N MET A 224 0.97 19.46 32.64
CA MET A 224 1.21 18.70 33.87
C MET A 224 1.48 19.51 35.14
N TYR A 225 1.08 20.79 35.14
CA TYR A 225 1.27 21.63 36.32
C TYR A 225 0.28 21.09 37.35
N PRO A 226 0.67 21.04 38.64
CA PRO A 226 -0.22 20.54 39.69
C PRO A 226 -1.53 21.29 39.92
N ILE A 227 -1.57 22.56 39.54
CA ILE A 227 -2.80 23.33 39.68
C ILE A 227 -3.41 23.40 38.28
N ALA A 228 -4.64 22.93 38.16
CA ALA A 228 -5.35 22.89 36.88
C ALA A 228 -5.26 24.16 36.04
N VAL A 229 -4.68 24.05 34.86
CA VAL A 229 -4.56 25.21 33.96
C VAL A 229 -5.91 25.58 33.36
N SER A 230 -6.03 26.83 32.94
CA SER A 230 -7.29 27.30 32.35
C SER A 230 -7.51 26.78 30.95
N GLY A 231 -6.42 26.56 30.24
CA GLY A 231 -6.53 26.11 28.86
C GLY A 231 -6.52 27.35 27.97
N ASP A 232 -6.47 28.52 28.59
CA ASP A 232 -6.45 29.79 27.85
C ASP A 232 -5.11 30.06 27.17
N HIS A 233 -4.02 29.60 27.79
CA HIS A 233 -2.69 29.87 27.28
C HIS A 233 -2.02 28.82 26.41
N GLU A 234 -1.17 29.31 25.50
CA GLU A 234 -0.45 28.49 24.55
C GLU A 234 0.18 27.20 25.08
N ASN A 235 0.83 27.27 26.23
CA ASN A 235 1.48 26.08 26.79
C ASN A 235 0.54 25.11 27.52
N ASN A 236 -0.65 25.58 27.90
CA ASN A 236 -1.62 24.76 28.64
C ASN A 236 -1.94 23.39 28.06
N LYS A 237 -1.95 23.26 26.74
CA LYS A 237 -2.26 21.96 26.15
C LYS A 237 -1.03 21.31 25.53
N MET A 238 0.11 21.53 26.16
CA MET A 238 1.37 20.97 25.70
C MET A 238 2.11 20.40 26.90
N PHE A 239 2.95 19.40 26.63
CA PHE A 239 3.76 18.79 27.67
C PHE A 239 5.10 19.52 27.77
N SER A 240 5.56 19.75 28.99
CA SER A 240 6.83 20.42 29.23
C SER A 240 7.98 19.46 28.91
N GLN A 241 9.21 19.97 29.03
CA GLN A 241 10.39 19.16 28.78
C GLN A 241 10.49 18.11 29.88
N CYS A 242 10.15 18.51 31.10
CA CYS A 242 10.18 17.61 32.25
C CYS A 242 9.26 16.41 31.96
N SER A 243 8.08 16.69 31.44
CA SER A 243 7.12 15.64 31.12
C SER A 243 7.58 14.79 29.93
N LYS A 244 8.14 15.45 28.93
CA LYS A 244 8.61 14.74 27.75
C LYS A 244 9.67 13.72 28.11
N GLN A 245 10.61 14.12 28.97
CA GLN A 245 11.69 13.23 29.39
C GLN A 245 11.17 12.03 30.16
N SER A 246 10.23 12.26 31.08
CA SER A 246 9.66 11.18 31.88
C SER A 246 8.82 10.24 31.04
N ILE A 247 7.97 10.80 30.19
CA ILE A 247 7.12 9.99 29.33
C ILE A 247 7.94 9.26 28.27
N TYR A 248 8.95 9.92 27.74
CA TYR A 248 9.79 9.28 26.73
C TYR A 248 10.38 8.01 27.32
N LYS A 249 10.89 8.12 28.54
CA LYS A 249 11.48 7.00 29.25
C LYS A 249 10.51 5.84 29.42
N THR A 250 9.27 6.17 29.80
CA THR A 250 8.26 5.14 29.97
C THR A 250 7.86 4.52 28.64
N ILE A 251 7.57 5.37 27.66
CA ILE A 251 7.17 4.87 26.34
C ILE A 251 8.23 3.97 25.73
N GLU A 252 9.48 4.41 25.79
CA GLU A 252 10.59 3.64 25.23
C GLU A 252 10.52 2.15 25.55
N SER A 253 10.29 1.80 26.81
CA SER A 253 10.23 0.40 27.19
C SER A 253 8.82 -0.19 27.23
N LYS A 254 7.84 0.59 27.68
CA LYS A 254 6.48 0.08 27.77
C LYS A 254 5.73 -0.04 26.45
N ALA A 255 6.10 0.75 25.45
CA ALA A 255 5.43 0.68 24.15
C ALA A 255 5.62 -0.71 23.57
N GLN A 256 6.82 -1.25 23.73
CA GLN A 256 7.14 -2.59 23.23
C GLN A 256 6.31 -3.58 24.03
N GLU A 257 6.05 -3.20 25.28
CA GLU A 257 5.29 -4.01 26.22
C GLU A 257 3.81 -4.18 25.89
N CYS A 258 3.09 -3.06 25.70
CA CYS A 258 1.66 -3.17 25.41
C CYS A 258 1.06 -2.29 24.32
N PHE A 259 1.88 -1.46 23.68
CA PHE A 259 1.36 -0.59 22.62
C PHE A 259 1.08 -1.41 21.36
N GLN A 260 0.09 -0.98 20.58
CA GLN A 260 -0.27 -1.69 19.37
C GLN A 260 -0.25 -0.74 18.18
N GLU A 261 -0.80 -1.19 17.06
CA GLU A 261 -0.82 -0.35 15.87
C GLU A 261 -2.14 0.43 15.76
N ARG A 262 -2.03 1.66 15.29
CA ARG A 262 -3.21 2.50 15.15
C ARG A 262 -4.21 2.00 14.10
N SER A 263 -5.47 1.84 14.51
CA SER A 263 -6.53 1.38 13.60
C SER A 263 -7.17 2.56 12.89
N MET B 10 45.99 -1.67 -9.33
CA MET B 10 45.44 -2.86 -10.02
C MET B 10 45.19 -3.99 -9.02
N LYS B 11 45.77 -3.87 -7.83
CA LYS B 11 45.57 -4.86 -6.78
C LYS B 11 44.36 -4.40 -5.99
N ASN B 12 43.20 -4.54 -6.61
CA ASN B 12 41.96 -4.09 -6.00
C ASN B 12 40.91 -5.17 -5.79
N THR B 13 41.31 -6.43 -5.97
CA THR B 13 40.35 -7.52 -5.82
C THR B 13 40.76 -8.58 -4.81
N CYS B 14 39.84 -8.88 -3.89
CA CYS B 14 40.03 -9.90 -2.88
C CYS B 14 39.51 -11.20 -3.50
N LYS B 15 40.42 -12.13 -3.81
CA LYS B 15 40.02 -13.40 -4.40
C LYS B 15 39.48 -14.31 -3.31
N LEU B 16 38.40 -15.02 -3.60
CA LEU B 16 37.78 -15.88 -2.61
C LEU B 16 37.81 -17.37 -2.90
N LEU B 17 37.78 -18.14 -1.81
CA LEU B 17 37.68 -19.58 -1.89
C LEU B 17 36.24 -19.74 -1.45
N VAL B 18 35.40 -20.28 -2.31
CA VAL B 18 33.99 -20.47 -1.97
C VAL B 18 33.73 -21.95 -1.79
N VAL B 19 33.18 -22.30 -0.62
CA VAL B 19 32.87 -23.69 -0.32
C VAL B 19 31.38 -23.84 0.01
N ALA B 20 30.75 -24.83 -0.63
CA ALA B 20 29.34 -25.14 -0.38
C ALA B 20 29.34 -26.54 0.24
N ASP B 21 28.85 -26.67 1.47
CA ASP B 21 28.83 -27.98 2.12
C ASP B 21 27.73 -28.87 1.55
N HIS B 22 27.68 -30.12 2.01
CA HIS B 22 26.68 -31.07 1.50
C HIS B 22 25.24 -30.61 1.71
N ARG B 23 25.01 -29.73 2.67
CA ARG B 23 23.66 -29.24 2.94
C ARG B 23 23.21 -28.20 1.92
N PHE B 24 24.07 -27.22 1.64
CA PHE B 24 23.74 -26.18 0.67
C PHE B 24 23.55 -26.83 -0.69
N TYR B 25 24.36 -27.85 -0.96
CA TYR B 25 24.32 -28.59 -2.21
C TYR B 25 22.96 -29.27 -2.45
N ARG B 26 22.52 -30.04 -1.46
CA ARG B 26 21.25 -30.77 -1.56
C ARG B 26 20.01 -29.88 -1.52
N TYR B 27 19.96 -28.96 -0.57
CA TYR B 27 18.79 -28.11 -0.43
C TYR B 27 18.71 -26.88 -1.33
N MET B 28 19.80 -26.12 -1.41
CA MET B 28 19.82 -24.92 -2.25
C MET B 28 20.17 -25.26 -3.69
N GLY B 29 21.07 -26.24 -3.86
CA GLY B 29 21.48 -26.64 -5.19
C GLY B 29 20.64 -27.72 -5.82
N ARG B 30 19.75 -28.31 -5.02
CA ARG B 30 18.87 -29.37 -5.51
C ARG B 30 19.66 -30.62 -5.92
N GLY B 31 20.81 -30.83 -5.29
CA GLY B 31 21.64 -31.98 -5.61
C GLY B 31 22.24 -31.87 -6.99
N GLU B 32 22.40 -30.65 -7.48
CA GLU B 32 22.97 -30.43 -8.80
C GLU B 32 24.16 -29.50 -8.72
N GLU B 33 25.27 -29.91 -9.35
CA GLU B 33 26.50 -29.11 -9.35
C GLU B 33 26.31 -27.79 -10.06
N SER B 34 25.69 -27.84 -11.24
CA SER B 34 25.46 -26.64 -12.03
C SER B 34 24.59 -25.64 -11.26
N THR B 35 23.48 -26.12 -10.69
CA THR B 35 22.59 -25.25 -9.93
C THR B 35 23.30 -24.61 -8.75
N THR B 36 24.05 -25.41 -8.01
CA THR B 36 24.78 -24.91 -6.85
C THR B 36 25.78 -23.83 -7.25
N THR B 37 26.63 -24.17 -8.22
CA THR B 37 27.64 -23.25 -8.71
C THR B 37 27.09 -21.92 -9.20
N ASN B 38 26.11 -21.97 -10.11
CA ASN B 38 25.50 -20.77 -10.65
C ASN B 38 24.91 -19.86 -9.59
N TYR B 39 24.25 -20.46 -8.60
CA TYR B 39 23.64 -19.68 -7.51
C TYR B 39 24.72 -18.90 -6.76
N LEU B 40 25.83 -19.55 -6.48
CA LEU B 40 26.92 -18.92 -5.74
C LEU B 40 27.69 -17.90 -6.58
N ILE B 41 27.88 -18.21 -7.86
CA ILE B 41 28.56 -17.28 -8.75
C ILE B 41 27.74 -16.01 -8.84
N GLU B 42 26.44 -16.16 -9.05
CA GLU B 42 25.56 -15.01 -9.16
C GLU B 42 25.50 -14.22 -7.85
N LEU B 43 25.45 -14.91 -6.72
CA LEU B 43 25.39 -14.23 -5.44
C LEU B 43 26.68 -13.44 -5.20
N ILE B 44 27.84 -14.06 -5.43
CA ILE B 44 29.08 -13.32 -5.22
C ILE B 44 29.14 -12.10 -6.13
N ASP B 45 28.69 -12.29 -7.36
CA ASP B 45 28.67 -11.21 -8.34
C ASP B 45 27.79 -10.04 -7.87
N ARG B 46 26.63 -10.34 -7.28
CA ARG B 46 25.76 -9.27 -6.81
C ARG B 46 26.39 -8.58 -5.59
N VAL B 47 27.09 -9.36 -4.77
CA VAL B 47 27.75 -8.79 -3.60
C VAL B 47 28.91 -7.92 -4.10
N ASP B 48 29.58 -8.40 -5.14
CA ASP B 48 30.69 -7.66 -5.73
C ASP B 48 30.22 -6.30 -6.26
N ASP B 49 29.02 -6.24 -6.83
CA ASP B 49 28.49 -4.97 -7.31
C ASP B 49 28.43 -3.97 -6.15
N ILE B 50 27.98 -4.43 -4.99
CA ILE B 50 27.89 -3.55 -3.84
C ILE B 50 29.28 -3.04 -3.45
N TYR B 51 30.24 -3.95 -3.32
CA TYR B 51 31.59 -3.57 -2.93
C TYR B 51 32.33 -2.66 -3.91
N ARG B 52 32.45 -3.04 -5.18
CA ARG B 52 33.22 -2.18 -6.07
C ARG B 52 32.56 -0.86 -6.46
N ASN B 53 31.26 -0.71 -6.18
CA ASN B 53 30.61 0.55 -6.50
C ASN B 53 30.63 1.46 -5.27
N THR B 54 31.27 1.00 -4.20
CA THR B 54 31.37 1.78 -2.97
C THR B 54 32.62 2.65 -2.98
N ALA B 55 32.46 3.94 -2.71
CA ALA B 55 33.59 4.87 -2.65
C ALA B 55 33.97 4.89 -1.17
N TRP B 56 34.99 4.11 -0.81
CA TRP B 56 35.41 4.03 0.59
C TRP B 56 35.88 5.36 1.18
N ASP B 57 36.37 6.26 0.33
CA ASP B 57 36.83 7.56 0.80
C ASP B 57 35.83 8.62 0.37
N ASN B 58 34.65 8.17 -0.06
CA ASN B 58 33.58 9.06 -0.53
C ASN B 58 34.04 9.88 -1.71
N ALA B 59 35.12 9.43 -2.34
CA ALA B 59 35.66 10.14 -3.49
C ALA B 59 36.03 9.17 -4.61
N GLY B 60 37.32 8.98 -4.82
CA GLY B 60 37.79 8.10 -5.88
C GLY B 60 38.33 6.75 -5.47
N PHE B 61 38.46 6.49 -4.18
CA PHE B 61 38.96 5.18 -3.76
C PHE B 61 37.81 4.19 -3.91
N LYS B 62 37.65 3.65 -5.11
CA LYS B 62 36.58 2.71 -5.40
C LYS B 62 37.04 1.69 -6.43
N GLY B 63 36.20 0.71 -6.71
CA GLY B 63 36.57 -0.31 -7.67
C GLY B 63 37.17 -1.50 -6.95
N TYR B 64 37.05 -1.50 -5.63
CA TYR B 64 37.57 -2.60 -4.82
C TYR B 64 36.42 -3.58 -4.56
N GLY B 65 36.65 -4.86 -4.87
CA GLY B 65 35.60 -5.83 -4.67
C GLY B 65 36.08 -7.24 -4.45
N ILE B 66 35.21 -8.21 -4.75
CA ILE B 66 35.53 -9.61 -4.58
C ILE B 66 35.35 -10.38 -5.88
N GLN B 67 35.94 -11.56 -5.93
CA GLN B 67 35.84 -12.39 -7.11
C GLN B 67 36.20 -13.79 -6.68
N ILE B 68 35.51 -14.77 -7.24
CA ILE B 68 35.77 -16.15 -6.89
C ILE B 68 37.03 -16.69 -7.54
N GLU B 69 37.93 -17.22 -6.71
CA GLU B 69 39.17 -17.77 -7.21
C GLU B 69 38.95 -19.27 -7.42
N GLN B 70 38.20 -19.87 -6.51
CA GLN B 70 37.92 -21.30 -6.59
C GLN B 70 36.66 -21.68 -5.81
N ILE B 71 35.83 -22.53 -6.42
CA ILE B 71 34.60 -23.00 -5.80
C ILE B 71 34.73 -24.49 -5.48
N ARG B 72 34.37 -24.86 -4.25
CA ARG B 72 34.43 -26.25 -3.79
C ARG B 72 33.03 -26.71 -3.43
N ILE B 73 32.48 -27.65 -4.19
CA ILE B 73 31.14 -28.17 -3.91
C ILE B 73 31.25 -29.57 -3.32
N LEU B 74 30.90 -29.70 -2.03
CA LEU B 74 30.96 -30.99 -1.37
C LEU B 74 29.60 -31.65 -1.59
N LYS B 75 29.56 -32.68 -2.42
CA LYS B 75 28.30 -33.36 -2.77
C LYS B 75 27.77 -34.36 -1.76
N SER B 76 28.63 -34.82 -0.84
CA SER B 76 28.20 -35.76 0.18
C SER B 76 28.86 -35.40 1.50
N PRO B 77 28.26 -35.79 2.63
CA PRO B 77 28.84 -35.47 3.93
C PRO B 77 30.20 -36.14 4.11
N GLN B 78 31.07 -35.50 4.87
CA GLN B 78 32.41 -36.01 5.12
C GLN B 78 32.40 -37.20 6.09
N GLU B 79 32.84 -38.36 5.61
CA GLU B 79 32.90 -39.53 6.48
C GLU B 79 33.93 -39.23 7.55
N VAL B 80 33.52 -39.40 8.80
CA VAL B 80 34.41 -39.12 9.93
C VAL B 80 34.46 -40.32 10.87
N LYS B 81 35.64 -40.63 11.39
CA LYS B 81 35.76 -41.74 12.30
C LYS B 81 35.12 -41.29 13.62
N PRO B 82 34.53 -42.23 14.38
CA PRO B 82 33.89 -41.89 15.65
C PRO B 82 34.78 -41.11 16.61
N GLY B 83 34.26 -40.04 17.17
CA GLY B 83 35.03 -39.24 18.11
C GLY B 83 35.56 -37.93 17.54
N GLU B 84 35.79 -37.88 16.23
CA GLU B 84 36.28 -36.66 15.61
C GLU B 84 35.22 -35.99 14.76
N LYS B 85 35.46 -34.73 14.40
CA LYS B 85 34.51 -33.96 13.61
C LYS B 85 35.09 -33.31 12.36
N HIS B 86 34.20 -32.79 11.52
CA HIS B 86 34.57 -32.12 10.27
C HIS B 86 33.40 -31.20 9.91
N TYR B 87 33.70 -29.97 9.49
CA TYR B 87 32.64 -29.02 9.16
C TYR B 87 31.63 -29.54 8.14
N ASN B 88 32.01 -30.56 7.39
CA ASN B 88 31.10 -31.12 6.39
C ASN B 88 30.53 -32.49 6.77
N MET B 89 30.60 -32.85 8.04
CA MET B 89 30.06 -34.15 8.45
C MET B 89 28.52 -34.12 8.40
N ALA B 90 27.91 -35.29 8.34
CA ALA B 90 26.46 -35.39 8.26
C ALA B 90 25.71 -34.77 9.44
N LYS B 91 26.05 -35.18 10.66
CA LYS B 91 25.35 -34.66 11.83
C LYS B 91 25.91 -33.35 12.38
N SER B 92 25.06 -32.64 13.12
CA SER B 92 25.41 -31.35 13.71
C SER B 92 26.26 -31.55 14.96
N TYR B 93 27.05 -30.54 15.29
CA TYR B 93 27.91 -30.57 16.46
C TYR B 93 27.77 -29.24 17.20
N PRO B 94 27.74 -29.29 18.55
CA PRO B 94 27.84 -30.50 19.37
C PRO B 94 26.50 -31.19 19.59
N ASN B 95 25.41 -30.52 19.21
CA ASN B 95 24.07 -31.07 19.37
C ASN B 95 23.50 -31.52 18.05
N GLU B 96 23.30 -32.82 17.89
CA GLU B 96 22.76 -33.36 16.67
C GLU B 96 21.24 -33.24 16.65
N GLU B 97 20.65 -33.14 17.84
CA GLU B 97 19.20 -32.99 17.95
C GLU B 97 18.83 -31.79 17.11
N LYS B 98 19.58 -30.71 17.31
CA LYS B 98 19.37 -29.46 16.59
C LYS B 98 19.57 -29.68 15.10
N ASP B 99 18.97 -28.79 14.31
CA ASP B 99 19.10 -28.89 12.87
C ASP B 99 20.50 -28.48 12.44
N ALA B 100 21.17 -27.69 13.29
CA ALA B 100 22.49 -27.19 12.94
C ALA B 100 23.54 -27.10 14.04
N TRP B 101 24.77 -26.83 13.61
CA TRP B 101 25.93 -26.66 14.50
C TRP B 101 25.74 -25.41 15.32
N ASP B 102 26.69 -25.18 16.21
CA ASP B 102 26.74 -23.97 17.01
C ASP B 102 27.61 -23.07 16.14
N VAL B 103 27.05 -22.00 15.61
CA VAL B 103 27.74 -21.10 14.71
C VAL B 103 29.24 -20.87 14.95
N LYS B 104 29.64 -20.45 16.15
CA LYS B 104 31.04 -20.20 16.43
C LYS B 104 31.92 -21.44 16.27
N MET B 105 31.41 -22.59 16.71
CA MET B 105 32.17 -23.82 16.60
C MET B 105 32.32 -24.26 15.15
N LEU B 106 31.28 -24.03 14.35
CA LEU B 106 31.32 -24.40 12.93
C LEU B 106 32.37 -23.59 12.20
N LEU B 107 32.39 -22.28 12.45
CA LEU B 107 33.37 -21.41 11.81
C LEU B 107 34.80 -21.83 12.12
N GLU B 108 35.07 -22.10 13.40
CA GLU B 108 36.40 -22.52 13.82
C GLU B 108 36.77 -23.83 13.14
N GLN B 109 35.82 -24.78 13.13
CA GLN B 109 36.05 -26.08 12.51
C GLN B 109 36.35 -25.88 11.03
N PHE B 110 35.55 -25.04 10.38
CA PHE B 110 35.74 -24.75 8.97
C PHE B 110 37.15 -24.21 8.77
N SER B 111 37.52 -23.22 9.59
CA SER B 111 38.84 -22.61 9.48
C SER B 111 39.97 -23.63 9.64
N PHE B 112 39.78 -24.58 10.53
CA PHE B 112 40.78 -25.61 10.78
C PHE B 112 40.90 -26.61 9.62
N ASP B 113 39.76 -27.11 9.15
CA ASP B 113 39.76 -28.08 8.04
C ASP B 113 40.19 -27.52 6.69
N ILE B 114 39.91 -26.25 6.45
CA ILE B 114 40.23 -25.62 5.16
C ILE B 114 41.53 -24.78 5.17
N ALA B 115 42.24 -24.80 6.30
CA ALA B 115 43.47 -24.03 6.47
C ALA B 115 44.48 -24.08 5.31
N GLU B 116 44.72 -25.28 4.79
CA GLU B 116 45.66 -25.46 3.70
C GLU B 116 45.24 -24.68 2.45
N GLU B 117 43.94 -24.50 2.26
CA GLU B 117 43.45 -23.76 1.09
C GLU B 117 43.31 -22.28 1.38
N ALA B 118 42.82 -21.95 2.58
CA ALA B 118 42.64 -20.57 2.99
C ALA B 118 43.95 -19.79 3.01
N SER B 119 45.05 -20.49 3.23
CA SER B 119 46.36 -19.83 3.29
C SER B 119 46.79 -19.27 1.94
N LYS B 120 46.09 -19.65 0.88
CA LYS B 120 46.44 -19.20 -0.47
C LYS B 120 45.53 -18.12 -1.04
N VAL B 121 44.45 -17.80 -0.33
CA VAL B 121 43.50 -16.82 -0.82
C VAL B 121 43.23 -15.68 0.15
N CYS B 122 42.72 -14.56 -0.37
CA CYS B 122 42.40 -13.40 0.44
C CYS B 122 41.40 -13.76 1.54
N LEU B 123 40.34 -14.49 1.17
CA LEU B 123 39.31 -14.94 2.09
C LEU B 123 38.68 -16.25 1.66
N ALA B 124 38.18 -16.99 2.64
CA ALA B 124 37.49 -18.26 2.41
C ALA B 124 36.10 -18.11 3.04
N HIS B 125 35.06 -18.49 2.31
CA HIS B 125 33.70 -18.38 2.82
C HIS B 125 32.90 -19.67 2.61
N LEU B 126 32.31 -20.17 3.69
CA LEU B 126 31.51 -21.40 3.64
C LEU B 126 30.03 -21.05 3.51
N PHE B 127 29.35 -21.74 2.59
CA PHE B 127 27.92 -21.55 2.38
C PHE B 127 27.26 -22.85 2.82
N THR B 128 26.38 -22.75 3.81
CA THR B 128 25.70 -23.92 4.32
C THR B 128 24.19 -23.70 4.39
N TYR B 129 23.47 -24.75 4.78
CA TYR B 129 22.04 -24.67 4.91
C TYR B 129 21.66 -25.34 6.22
N GLN B 130 21.67 -24.56 7.30
CA GLN B 130 21.30 -25.07 8.60
C GLN B 130 20.74 -23.93 9.46
N ASP B 131 19.64 -24.23 10.15
CA ASP B 131 18.96 -23.24 10.98
C ASP B 131 19.64 -23.02 12.32
N PHE B 132 20.47 -21.99 12.40
CA PHE B 132 21.17 -21.68 13.64
C PHE B 132 20.21 -21.08 14.67
N ASP B 133 20.51 -21.33 15.94
CA ASP B 133 19.69 -20.84 17.04
C ASP B 133 19.62 -19.32 17.09
N MET B 134 18.47 -18.81 17.49
CA MET B 134 18.24 -17.38 17.63
C MET B 134 18.34 -16.57 16.34
N GLY B 135 17.94 -17.18 15.24
CA GLY B 135 17.97 -16.47 13.96
C GLY B 135 19.34 -16.06 13.44
N THR B 136 20.41 -16.60 14.02
CA THR B 136 21.75 -16.26 13.55
C THR B 136 21.84 -16.70 12.10
N LEU B 137 22.36 -15.83 11.24
CA LEU B 137 22.47 -16.11 9.82
C LEU B 137 23.90 -16.34 9.34
N GLY B 138 24.87 -15.82 10.07
CA GLY B 138 26.25 -15.99 9.67
C GLY B 138 27.23 -15.60 10.76
N LEU B 139 28.51 -15.70 10.44
CA LEU B 139 29.57 -15.36 11.38
C LEU B 139 30.88 -15.25 10.62
N ALA B 140 31.74 -14.33 11.03
CA ALA B 140 33.01 -14.13 10.37
C ALA B 140 33.99 -13.36 11.26
N TYR B 141 35.27 -13.63 11.11
CA TYR B 141 36.29 -12.95 11.89
C TYR B 141 36.46 -11.54 11.36
N VAL B 142 36.60 -10.58 12.27
CA VAL B 142 36.73 -9.18 11.90
C VAL B 142 38.16 -8.81 11.50
N GLY B 143 38.29 -8.13 10.37
CA GLY B 143 39.59 -7.72 9.89
C GLY B 143 40.10 -6.45 10.55
N SER B 144 41.35 -6.11 10.25
CA SER B 144 41.99 -4.93 10.82
C SER B 144 43.19 -4.52 9.99
N PRO B 145 43.57 -3.22 10.04
CA PRO B 145 44.72 -2.74 9.28
C PRO B 145 46.05 -3.16 9.90
N ARG B 146 46.00 -3.74 11.09
CA ARG B 146 47.22 -4.18 11.77
C ARG B 146 47.81 -5.43 11.14
N ALA B 147 49.12 -5.42 10.95
CA ALA B 147 49.84 -6.54 10.35
C ALA B 147 49.55 -7.84 11.10
N ASN B 148 50.00 -7.91 12.35
CA ASN B 148 49.80 -9.10 13.18
C ASN B 148 48.38 -9.22 13.72
N SER B 149 47.40 -8.78 12.93
CA SER B 149 46.01 -8.87 13.33
C SER B 149 45.39 -10.08 12.67
N HIS B 150 45.28 -11.18 13.41
CA HIS B 150 44.73 -12.41 12.88
C HIS B 150 43.21 -12.32 12.77
N GLY B 151 42.72 -12.42 11.54
CA GLY B 151 41.29 -12.35 11.29
C GLY B 151 40.99 -11.46 10.11
N GLY B 152 40.01 -11.86 9.32
CA GLY B 152 39.64 -11.07 8.16
C GLY B 152 40.58 -11.18 6.98
N VAL B 153 40.40 -10.26 6.03
CA VAL B 153 41.21 -10.22 4.82
C VAL B 153 42.69 -10.51 5.01
N CYS B 154 43.24 -11.29 4.08
CA CYS B 154 44.63 -11.68 4.08
C CYS B 154 44.97 -12.74 5.12
N PRO B 155 45.44 -13.90 4.66
CA PRO B 155 45.79 -14.99 5.58
C PRO B 155 46.98 -14.61 6.45
N LYS B 156 46.89 -14.97 7.73
CA LYS B 156 47.95 -14.70 8.70
C LYS B 156 47.96 -15.89 9.65
N ALA B 157 49.06 -16.64 9.64
CA ALA B 157 49.21 -17.83 10.48
C ALA B 157 48.82 -17.65 11.94
N TYR B 158 47.99 -18.58 12.43
CA TYR B 158 47.55 -18.59 13.81
C TYR B 158 47.67 -20.01 14.34
N TYR B 159 48.46 -20.19 15.39
CA TYR B 159 48.65 -21.52 15.97
C TYR B 159 47.45 -21.99 16.75
N SER B 160 46.96 -23.18 16.42
CA SER B 160 45.82 -23.76 17.12
C SER B 160 46.31 -24.86 18.04
N PRO B 161 46.46 -24.56 19.34
CA PRO B 161 46.91 -25.55 20.32
C PRO B 161 46.04 -26.80 20.30
N VAL B 162 44.73 -26.60 20.25
CA VAL B 162 43.79 -27.71 20.22
C VAL B 162 43.92 -28.46 18.91
N GLY B 163 44.21 -27.73 17.83
CA GLY B 163 44.36 -28.34 16.52
C GLY B 163 45.77 -28.84 16.27
N LYS B 164 46.73 -28.31 17.02
CA LYS B 164 48.14 -28.69 16.89
C LYS B 164 48.75 -28.32 15.55
N LYS B 165 48.34 -27.16 15.01
CA LYS B 165 48.86 -26.70 13.73
C LYS B 165 48.41 -25.26 13.47
N ASN B 166 48.97 -24.64 12.44
CA ASN B 166 48.60 -23.28 12.09
C ASN B 166 47.37 -23.30 11.21
N ILE B 167 46.43 -22.40 11.51
CA ILE B 167 45.20 -22.28 10.74
C ILE B 167 45.10 -20.81 10.37
N TYR B 168 44.13 -20.46 9.54
CA TYR B 168 43.98 -19.07 9.14
C TYR B 168 42.57 -18.56 9.42
N LEU B 169 42.49 -17.33 9.90
CA LEU B 169 41.21 -16.73 10.26
C LEU B 169 40.61 -15.77 9.24
N ASN B 170 41.04 -15.91 7.99
CA ASN B 170 40.52 -15.09 6.89
C ASN B 170 39.32 -15.88 6.37
N SER B 171 38.38 -16.16 7.28
CA SER B 171 37.21 -16.96 6.99
C SER B 171 35.89 -16.38 7.49
N GLY B 172 34.80 -16.96 7.00
CA GLY B 172 33.47 -16.54 7.38
C GLY B 172 32.48 -17.54 6.79
N LEU B 173 31.23 -17.46 7.19
CA LEU B 173 30.24 -18.38 6.67
C LEU B 173 28.85 -17.73 6.57
N THR B 174 28.02 -18.30 5.70
CA THR B 174 26.67 -17.82 5.47
C THR B 174 25.74 -19.03 5.37
N SER B 175 24.58 -18.93 6.01
CA SER B 175 23.58 -19.98 5.94
C SER B 175 22.36 -19.34 5.31
N THR B 176 21.68 -20.07 4.43
CA THR B 176 20.50 -19.53 3.77
C THR B 176 19.21 -20.16 4.30
N LYS B 177 19.27 -20.64 5.54
CA LYS B 177 18.10 -21.23 6.18
C LYS B 177 17.93 -20.53 7.51
N ASN B 178 16.71 -20.15 7.82
CA ASN B 178 16.42 -19.48 9.07
C ASN B 178 14.96 -19.71 9.43
N TYR B 179 14.72 -20.12 10.67
CA TYR B 179 13.39 -20.41 11.18
C TYR B 179 12.59 -21.38 10.32
N GLY B 180 13.19 -22.52 10.01
CA GLY B 180 12.50 -23.53 9.23
C GLY B 180 12.38 -23.38 7.72
N LYS B 181 12.81 -22.26 7.16
CA LYS B 181 12.70 -22.11 5.71
C LYS B 181 13.89 -21.40 5.05
N THR B 182 13.92 -21.45 3.72
CA THR B 182 14.96 -20.81 2.94
C THR B 182 14.78 -19.30 3.00
N ILE B 183 15.85 -18.58 3.34
CA ILE B 183 15.77 -17.12 3.40
C ILE B 183 15.61 -16.59 1.98
N LEU B 184 15.18 -15.35 1.86
CA LEU B 184 15.00 -14.74 0.54
C LEU B 184 16.35 -14.56 -0.14
N THR B 185 16.33 -14.54 -1.46
CA THR B 185 17.54 -14.34 -2.24
C THR B 185 18.17 -13.01 -1.85
N LYS B 186 17.36 -11.96 -1.73
CA LYS B 186 17.90 -10.65 -1.38
C LYS B 186 18.48 -10.65 0.03
N GLU B 187 17.94 -11.49 0.90
CA GLU B 187 18.45 -11.56 2.27
C GLU B 187 19.81 -12.26 2.26
N ALA B 188 19.93 -13.31 1.47
CA ALA B 188 21.19 -14.06 1.35
C ALA B 188 22.35 -13.13 0.96
N ASP B 189 22.11 -12.32 -0.07
CA ASP B 189 23.12 -11.37 -0.54
C ASP B 189 23.64 -10.51 0.59
N LEU B 190 22.70 -10.00 1.40
CA LEU B 190 23.02 -9.12 2.52
C LEU B 190 23.78 -9.82 3.64
N VAL B 191 23.44 -11.08 3.92
CA VAL B 191 24.15 -11.81 4.96
C VAL B 191 25.62 -11.93 4.54
N THR B 192 25.82 -12.36 3.30
CA THR B 192 27.18 -12.51 2.79
C THR B 192 27.88 -11.17 2.70
N THR B 193 27.17 -10.14 2.26
CA THR B 193 27.76 -8.80 2.17
C THR B 193 28.24 -8.40 3.57
N HIS B 194 27.40 -8.67 4.56
CA HIS B 194 27.65 -8.34 5.97
C HIS B 194 28.85 -9.09 6.56
N GLU B 195 28.89 -10.40 6.35
CA GLU B 195 29.98 -11.22 6.88
C GLU B 195 31.30 -10.85 6.22
N LEU B 196 31.28 -10.59 4.92
CA LEU B 196 32.50 -10.18 4.22
C LEU B 196 32.85 -8.79 4.76
N GLY B 197 31.83 -8.04 5.16
CA GLY B 197 32.04 -6.72 5.70
C GLY B 197 32.89 -6.81 6.96
N HIS B 198 32.55 -7.75 7.83
CA HIS B 198 33.31 -7.96 9.05
C HIS B 198 34.74 -8.34 8.65
N ASN B 199 34.85 -9.22 7.66
CA ASN B 199 36.16 -9.65 7.16
C ASN B 199 36.97 -8.45 6.68
N PHE B 200 36.33 -7.55 5.93
CA PHE B 200 37.02 -6.37 5.41
C PHE B 200 37.34 -5.33 6.49
N GLY B 201 37.03 -5.65 7.75
CA GLY B 201 37.34 -4.73 8.83
C GLY B 201 36.24 -3.88 9.43
N ALA B 202 35.00 -4.10 9.01
CA ALA B 202 33.91 -3.30 9.55
C ALA B 202 33.28 -3.96 10.77
N GLU B 203 32.97 -3.13 11.77
CA GLU B 203 32.32 -3.60 12.99
C GLU B 203 30.86 -3.22 12.81
N HIS B 204 30.03 -3.54 13.79
CA HIS B 204 28.62 -3.21 13.68
C HIS B 204 28.40 -1.70 13.75
N ASP B 205 27.40 -1.21 13.04
CA ASP B 205 27.09 0.21 13.03
C ASP B 205 26.64 0.62 14.43
N PRO B 206 27.13 1.77 14.93
CA PRO B 206 26.78 2.28 16.26
C PRO B 206 25.39 1.86 16.69
N ASP B 207 24.40 2.68 16.36
CA ASP B 207 22.99 2.43 16.68
C ASP B 207 22.30 3.71 17.11
N GLY B 208 22.87 4.37 18.11
CA GLY B 208 22.30 5.62 18.58
C GLY B 208 22.76 6.73 17.67
N LEU B 209 23.94 6.51 17.06
CA LEU B 209 24.53 7.47 16.14
C LEU B 209 23.78 7.50 14.82
N ALA B 210 22.88 8.46 14.70
CA ALA B 210 22.03 8.66 13.52
C ALA B 210 22.79 8.56 12.19
N GLU B 211 23.97 9.14 12.15
CA GLU B 211 24.79 9.14 10.95
C GLU B 211 24.98 7.73 10.36
N CYS B 212 25.14 6.74 11.22
CA CYS B 212 25.38 5.39 10.77
C CYS B 212 24.21 4.42 11.02
N ALA B 213 23.09 4.94 11.49
CA ALA B 213 21.91 4.11 11.73
C ALA B 213 20.64 4.94 11.53
N PRO B 214 20.44 5.45 10.31
CA PRO B 214 19.28 6.27 9.95
C PRO B 214 17.93 5.64 10.28
N ASN B 215 16.88 6.46 10.24
CA ASN B 215 15.52 6.00 10.50
C ASN B 215 14.86 5.52 9.21
N GLU B 216 13.75 4.82 9.35
CA GLU B 216 12.99 4.29 8.22
C GLU B 216 12.86 5.32 7.10
N ASP B 217 12.40 6.52 7.44
CA ASP B 217 12.20 7.57 6.45
C ASP B 217 13.50 8.15 5.90
N GLN B 218 14.62 7.89 6.57
CA GLN B 218 15.89 8.41 6.09
C GLN B 218 16.62 7.39 5.22
N GLY B 219 15.95 6.27 4.94
CA GLY B 219 16.55 5.25 4.11
C GLY B 219 16.74 3.94 4.85
N GLY B 220 16.56 3.98 6.18
CA GLY B 220 16.72 2.80 6.98
C GLY B 220 18.16 2.54 7.39
N LYS B 221 18.39 1.42 8.07
CA LYS B 221 19.72 1.06 8.54
C LYS B 221 20.60 0.57 7.40
N TYR B 222 21.91 0.60 7.64
CA TYR B 222 22.88 0.15 6.65
C TYR B 222 23.17 -1.34 6.87
N VAL B 223 23.86 -1.96 5.91
CA VAL B 223 24.12 -3.40 5.97
C VAL B 223 24.84 -3.94 7.21
N MET B 224 25.79 -3.19 7.77
CA MET B 224 26.51 -3.65 8.95
C MET B 224 25.74 -3.46 10.25
N TYR B 225 24.45 -3.20 10.16
CA TYR B 225 23.65 -3.01 11.36
C TYR B 225 23.61 -4.32 12.12
N PRO B 226 23.83 -4.27 13.45
CA PRO B 226 23.82 -5.46 14.31
C PRO B 226 22.61 -6.37 14.14
N ILE B 227 21.44 -5.79 13.88
CA ILE B 227 20.24 -6.59 13.71
C ILE B 227 19.92 -6.72 12.21
N ALA B 228 19.90 -7.97 11.73
CA ALA B 228 19.64 -8.27 10.31
C ALA B 228 18.58 -7.41 9.63
N VAL B 229 19.00 -6.58 8.68
CA VAL B 229 18.08 -5.73 7.93
C VAL B 229 17.21 -6.62 7.05
N SER B 230 16.05 -6.12 6.63
CA SER B 230 15.13 -6.89 5.79
C SER B 230 15.51 -6.78 4.32
N GLY B 231 16.15 -5.67 3.96
CA GLY B 231 16.53 -5.45 2.58
C GLY B 231 15.48 -4.70 1.78
N ASP B 232 14.44 -4.22 2.47
CA ASP B 232 13.37 -3.49 1.78
C ASP B 232 13.70 -2.00 1.68
N HIS B 233 14.62 -1.54 2.52
CA HIS B 233 14.98 -0.13 2.55
C HIS B 233 16.26 0.21 1.79
N GLU B 234 16.27 1.43 1.25
CA GLU B 234 17.38 1.94 0.46
C GLU B 234 18.79 1.71 1.03
N ASN B 235 19.00 2.08 2.30
CA ASN B 235 20.31 1.92 2.91
C ASN B 235 20.72 0.48 3.22
N ASN B 236 19.75 -0.42 3.33
CA ASN B 236 20.02 -1.82 3.67
C ASN B 236 21.18 -2.49 2.93
N LYS B 237 21.29 -2.22 1.64
CA LYS B 237 22.34 -2.82 0.80
C LYS B 237 23.63 -2.01 0.75
N MET B 238 23.69 -0.92 1.50
CA MET B 238 24.88 -0.07 1.50
C MET B 238 25.63 0.00 2.82
N PHE B 239 26.89 0.45 2.75
CA PHE B 239 27.73 0.59 3.92
C PHE B 239 27.64 2.02 4.46
N SER B 240 27.59 2.15 5.78
CA SER B 240 27.53 3.47 6.41
C SER B 240 28.93 4.08 6.41
N GLN B 241 29.02 5.35 6.81
CA GLN B 241 30.31 6.02 6.87
C GLN B 241 31.20 5.34 7.89
N CYS B 242 30.58 4.81 8.94
CA CYS B 242 31.32 4.12 9.99
C CYS B 242 32.03 2.90 9.41
N SER B 243 31.30 2.13 8.60
CA SER B 243 31.88 0.94 7.98
C SER B 243 32.96 1.36 6.99
N LYS B 244 32.70 2.43 6.24
CA LYS B 244 33.65 2.93 5.26
C LYS B 244 34.96 3.35 5.92
N GLN B 245 34.88 3.99 7.07
CA GLN B 245 36.07 4.44 7.78
C GLN B 245 36.93 3.22 8.11
N SER B 246 36.31 2.24 8.75
CA SER B 246 36.99 1.01 9.14
C SER B 246 37.57 0.30 7.92
N ILE B 247 36.69 -0.09 7.00
CA ILE B 247 37.11 -0.82 5.82
C ILE B 247 38.17 -0.06 5.02
N TYR B 248 37.99 1.24 4.86
CA TYR B 248 38.97 2.03 4.11
C TYR B 248 40.36 1.84 4.69
N LYS B 249 40.48 1.93 6.01
CA LYS B 249 41.76 1.76 6.65
C LYS B 249 42.31 0.36 6.40
N THR B 250 41.47 -0.66 6.61
CA THR B 250 41.91 -2.03 6.41
C THR B 250 42.42 -2.24 4.99
N ILE B 251 41.66 -1.80 4.00
CA ILE B 251 42.06 -1.93 2.61
C ILE B 251 43.37 -1.22 2.32
N GLU B 252 43.55 -0.04 2.91
CA GLU B 252 44.76 0.73 2.72
C GLU B 252 46.04 -0.04 3.05
N SER B 253 46.02 -0.75 4.18
CA SER B 253 47.21 -1.51 4.59
C SER B 253 47.27 -2.95 4.08
N LYS B 254 46.12 -3.57 3.90
CA LYS B 254 46.09 -4.96 3.46
C LYS B 254 45.94 -5.19 1.96
N ALA B 255 45.51 -4.17 1.22
CA ALA B 255 45.34 -4.33 -0.23
C ALA B 255 46.65 -4.76 -0.88
N GLN B 256 47.72 -4.04 -0.58
CA GLN B 256 49.03 -4.34 -1.13
C GLN B 256 49.47 -5.72 -0.66
N GLU B 257 48.96 -6.11 0.50
CA GLU B 257 49.27 -7.38 1.13
C GLU B 257 48.74 -8.62 0.41
N CYS B 258 47.44 -8.68 0.15
CA CYS B 258 46.89 -9.86 -0.50
C CYS B 258 45.84 -9.65 -1.61
N PHE B 259 45.62 -8.42 -2.02
CA PHE B 259 44.66 -8.16 -3.10
C PHE B 259 45.32 -8.40 -4.44
N GLN B 260 44.53 -8.77 -5.44
CA GLN B 260 45.06 -9.02 -6.78
C GLN B 260 44.32 -8.24 -7.84
N GLU B 261 44.66 -8.49 -9.10
CA GLU B 261 44.03 -7.81 -10.22
C GLU B 261 42.68 -8.44 -10.56
N ARG B 262 41.74 -7.60 -10.95
CA ARG B 262 40.40 -8.06 -11.32
C ARG B 262 40.47 -8.91 -12.58
N SER B 263 39.93 -10.13 -12.51
CA SER B 263 39.92 -11.02 -13.67
C SER B 263 38.75 -10.72 -14.58
N ASP C 8 -6.19 9.31 -3.40
CA ASP C 8 -6.33 8.89 -1.97
C ASP C 8 -5.12 8.04 -1.57
N PRO C 9 -4.26 8.57 -0.68
CA PRO C 9 -3.04 7.89 -0.20
C PRO C 9 -3.18 6.43 0.24
N MET C 10 -4.41 5.91 0.23
CA MET C 10 -4.63 4.49 0.54
C MET C 10 -4.69 3.90 -0.85
N LYS C 11 -4.12 4.62 -1.82
CA LYS C 11 -4.07 4.20 -3.21
C LYS C 11 -2.64 4.43 -3.68
N ASN C 12 -1.74 3.53 -3.29
CA ASN C 12 -0.33 3.68 -3.64
C ASN C 12 0.24 2.36 -4.17
N THR C 13 -0.63 1.39 -4.36
CA THR C 13 -0.15 0.10 -4.82
C THR C 13 -0.83 -0.41 -6.08
N CYS C 14 -0.04 -0.67 -7.11
CA CYS C 14 -0.57 -1.23 -8.36
C CYS C 14 -0.60 -2.74 -8.17
N LYS C 15 -1.80 -3.31 -8.09
CA LYS C 15 -1.98 -4.76 -7.92
C LYS C 15 -1.78 -5.46 -9.25
N LEU C 16 -1.08 -6.58 -9.22
CA LEU C 16 -0.78 -7.29 -10.45
C LEU C 16 -1.33 -8.69 -10.61
N LEU C 17 -1.52 -9.06 -11.88
CA LEU C 17 -1.92 -10.40 -12.25
C LEU C 17 -0.61 -10.91 -12.85
N VAL C 18 -0.04 -11.94 -12.24
CA VAL C 18 1.22 -12.51 -12.71
C VAL C 18 0.99 -13.89 -13.33
N VAL C 19 1.43 -14.05 -14.58
CA VAL C 19 1.26 -15.31 -15.28
C VAL C 19 2.59 -15.94 -15.75
N ALA C 20 2.75 -17.22 -15.46
CA ALA C 20 3.94 -17.97 -15.88
C ALA C 20 3.47 -19.00 -16.91
N ASP C 21 3.94 -18.89 -18.15
CA ASP C 21 3.52 -19.86 -19.16
C ASP C 21 4.25 -21.18 -18.92
N HIS C 22 3.95 -22.21 -19.72
CA HIS C 22 4.58 -23.51 -19.54
C HIS C 22 6.11 -23.53 -19.73
N ARG C 23 6.61 -22.63 -20.57
CA ARG C 23 8.06 -22.57 -20.82
C ARG C 23 8.80 -22.09 -19.56
N PHE C 24 8.24 -21.08 -18.89
CA PHE C 24 8.84 -20.54 -17.70
C PHE C 24 8.73 -21.56 -16.57
N TYR C 25 7.65 -22.31 -16.57
CA TYR C 25 7.41 -23.35 -15.57
C TYR C 25 8.51 -24.43 -15.63
N ARG C 26 8.70 -24.97 -16.83
CA ARG C 26 9.68 -26.01 -17.04
C ARG C 26 11.14 -25.60 -16.89
N TYR C 27 11.54 -24.52 -17.57
CA TYR C 27 12.93 -24.09 -17.52
C TYR C 27 13.37 -23.22 -16.36
N MET C 28 12.48 -22.41 -15.80
CA MET C 28 12.84 -21.57 -14.69
C MET C 28 12.37 -22.13 -13.36
N GLY C 29 11.16 -22.68 -13.33
CA GLY C 29 10.63 -23.21 -12.08
C GLY C 29 10.85 -24.69 -11.84
N ARG C 30 11.67 -25.31 -12.67
CA ARG C 30 11.97 -26.73 -12.53
C ARG C 30 10.73 -27.63 -12.58
N GLY C 31 9.69 -27.16 -13.26
CA GLY C 31 8.47 -27.95 -13.34
C GLY C 31 7.86 -28.17 -11.98
N GLU C 32 8.08 -27.22 -11.08
CA GLU C 32 7.53 -27.30 -9.74
C GLU C 32 6.76 -26.02 -9.45
N GLU C 33 5.53 -26.17 -8.97
CA GLU C 33 4.71 -25.00 -8.68
C GLU C 33 5.34 -24.12 -7.62
N SER C 34 5.83 -24.75 -6.56
CA SER C 34 6.46 -24.01 -5.47
C SER C 34 7.64 -23.20 -5.97
N THR C 35 8.57 -23.85 -6.65
CA THR C 35 9.75 -23.16 -7.18
C THR C 35 9.38 -21.97 -8.08
N THR C 36 8.42 -22.18 -8.97
CA THR C 36 7.98 -21.14 -9.89
C THR C 36 7.34 -19.96 -9.17
N THR C 37 6.46 -20.27 -8.22
CA THR C 37 5.76 -19.25 -7.48
C THR C 37 6.70 -18.41 -6.63
N ASN C 38 7.63 -19.06 -5.95
CA ASN C 38 8.58 -18.34 -5.11
C ASN C 38 9.50 -17.44 -5.91
N TYR C 39 9.94 -17.93 -7.07
CA TYR C 39 10.82 -17.13 -7.91
C TYR C 39 10.14 -15.82 -8.29
N LEU C 40 8.89 -15.91 -8.73
CA LEU C 40 8.13 -14.74 -9.14
C LEU C 40 7.76 -13.83 -7.97
N ILE C 41 7.36 -14.40 -6.84
CA ILE C 41 7.04 -13.62 -5.66
C ILE C 41 8.26 -12.80 -5.24
N GLU C 42 9.42 -13.44 -5.20
CA GLU C 42 10.64 -12.74 -4.79
C GLU C 42 11.07 -11.67 -5.78
N LEU C 43 10.96 -11.96 -7.08
CA LEU C 43 11.33 -11.00 -8.10
C LEU C 43 10.45 -9.76 -8.02
N ILE C 44 9.14 -9.95 -7.96
CA ILE C 44 8.26 -8.80 -7.85
C ILE C 44 8.59 -8.03 -6.58
N ASP C 45 8.91 -8.74 -5.50
CA ASP C 45 9.26 -8.06 -4.25
C ASP C 45 10.51 -7.21 -4.40
N ARG C 46 11.52 -7.72 -5.10
CA ARG C 46 12.75 -6.96 -5.31
C ARG C 46 12.45 -5.77 -6.22
N VAL C 47 11.62 -5.98 -7.24
CA VAL C 47 11.26 -4.91 -8.17
C VAL C 47 10.48 -3.85 -7.39
N ASP C 48 9.60 -4.31 -6.50
CA ASP C 48 8.80 -3.42 -5.69
C ASP C 48 9.71 -2.56 -4.80
N ASP C 49 10.84 -3.11 -4.36
CA ASP C 49 11.77 -2.35 -3.52
C ASP C 49 12.27 -1.11 -4.26
N ILE C 50 12.52 -1.27 -5.55
CA ILE C 50 13.00 -0.17 -6.36
C ILE C 50 11.93 0.90 -6.49
N TYR C 51 10.70 0.48 -6.80
CA TYR C 51 9.59 1.42 -6.95
C TYR C 51 9.22 2.10 -5.65
N ARG C 52 8.98 1.32 -4.59
CA ARG C 52 8.59 1.87 -3.29
C ARG C 52 9.52 2.96 -2.79
N ASN C 53 10.81 2.72 -2.90
CA ASN C 53 11.81 3.66 -2.43
C ASN C 53 12.14 4.78 -3.40
N THR C 54 11.45 4.82 -4.53
CA THR C 54 11.70 5.89 -5.48
C THR C 54 10.87 7.11 -5.10
N ALA C 55 11.53 8.27 -5.03
CA ALA C 55 10.83 9.52 -4.72
C ALA C 55 10.60 10.18 -6.08
N TRP C 56 9.40 9.99 -6.63
CA TRP C 56 9.05 10.50 -7.95
C TRP C 56 9.14 12.02 -8.09
N ASP C 57 9.01 12.74 -6.98
CA ASP C 57 9.13 14.20 -7.01
C ASP C 57 10.39 14.60 -6.27
N ASN C 58 11.21 13.61 -5.92
CA ASN C 58 12.46 13.81 -5.20
C ASN C 58 12.21 14.39 -3.80
N ALA C 59 10.97 14.30 -3.35
CA ALA C 59 10.58 14.79 -2.03
C ALA C 59 9.79 13.72 -1.28
N GLY C 60 8.51 13.99 -1.06
CA GLY C 60 7.68 13.05 -0.33
C GLY C 60 6.77 12.17 -1.16
N PHE C 61 6.77 12.32 -2.48
CA PHE C 61 5.89 11.48 -3.30
C PHE C 61 6.56 10.12 -3.51
N LYS C 62 6.50 9.28 -2.49
CA LYS C 62 7.10 7.95 -2.56
C LYS C 62 6.24 6.90 -1.86
N GLY C 63 6.75 5.69 -1.80
CA GLY C 63 5.99 4.63 -1.17
C GLY C 63 5.02 4.01 -2.16
N TYR C 64 5.16 4.34 -3.45
CA TYR C 64 4.30 3.78 -4.48
C TYR C 64 4.99 2.54 -5.04
N GLY C 65 4.27 1.42 -5.08
CA GLY C 65 4.86 0.20 -5.58
C GLY C 65 3.91 -0.74 -6.29
N ILE C 66 4.29 -2.02 -6.29
CA ILE C 66 3.49 -3.05 -6.94
C ILE C 66 3.35 -4.23 -5.98
N GLN C 67 2.31 -5.02 -6.17
CA GLN C 67 2.07 -6.16 -5.33
C GLN C 67 1.27 -7.17 -6.14
N ILE C 68 1.53 -8.46 -5.93
CA ILE C 68 0.82 -9.49 -6.67
C ILE C 68 -0.57 -9.76 -6.11
N GLU C 69 -1.57 -9.53 -6.96
CA GLU C 69 -2.96 -9.77 -6.60
C GLU C 69 -3.24 -11.25 -6.86
N GLN C 70 -2.81 -11.71 -8.03
CA GLN C 70 -3.04 -13.10 -8.42
C GLN C 70 -1.89 -13.69 -9.25
N ILE C 71 -1.53 -14.93 -8.96
CA ILE C 71 -0.49 -15.63 -9.71
C ILE C 71 -1.13 -16.84 -10.39
N ARG C 72 -0.88 -16.98 -11.69
CA ARG C 72 -1.40 -18.13 -12.43
C ARG C 72 -0.24 -18.87 -13.06
N ILE C 73 -0.07 -20.14 -12.69
CA ILE C 73 1.02 -20.94 -13.25
C ILE C 73 0.46 -21.95 -14.24
N LEU C 74 0.87 -21.83 -15.50
CA LEU C 74 0.42 -22.75 -16.54
C LEU C 74 1.49 -23.84 -16.65
N LYS C 75 1.16 -25.02 -16.14
CA LYS C 75 2.07 -26.15 -16.11
C LYS C 75 2.25 -26.94 -17.40
N SER C 76 1.36 -26.73 -18.36
CA SER C 76 1.48 -27.45 -19.62
C SER C 76 1.00 -26.57 -20.77
N PRO C 77 1.45 -26.88 -22.00
CA PRO C 77 1.03 -26.07 -23.15
C PRO C 77 -0.49 -26.09 -23.37
N GLN C 78 -1.00 -25.00 -23.92
CA GLN C 78 -2.42 -24.89 -24.18
C GLN C 78 -2.75 -25.63 -25.47
N GLU C 79 -3.62 -26.64 -25.36
CA GLU C 79 -4.02 -27.38 -26.54
C GLU C 79 -4.79 -26.39 -27.41
N VAL C 80 -4.57 -26.46 -28.70
CA VAL C 80 -5.21 -25.52 -29.58
C VAL C 80 -5.78 -26.23 -30.82
N LYS C 81 -7.02 -25.88 -31.18
CA LYS C 81 -7.69 -26.47 -32.35
C LYS C 81 -7.06 -25.97 -33.64
N PRO C 82 -7.31 -26.65 -34.76
CA PRO C 82 -6.74 -26.22 -36.05
C PRO C 82 -6.99 -24.75 -36.37
N GLY C 83 -5.93 -24.04 -36.74
CA GLY C 83 -6.04 -22.63 -37.08
C GLY C 83 -6.05 -21.66 -35.91
N GLU C 84 -6.31 -22.13 -34.70
CA GLU C 84 -6.33 -21.22 -33.56
C GLU C 84 -5.01 -21.16 -32.80
N LYS C 85 -4.79 -20.05 -32.12
CA LYS C 85 -3.56 -19.86 -31.36
C LYS C 85 -3.87 -19.39 -29.94
N HIS C 86 -2.84 -19.43 -29.09
CA HIS C 86 -2.97 -19.05 -27.70
C HIS C 86 -1.57 -18.67 -27.20
N TYR C 87 -1.47 -17.71 -26.30
CA TYR C 87 -0.14 -17.31 -25.83
C TYR C 87 0.60 -18.43 -25.11
N ASN C 88 -0.12 -19.44 -24.62
CA ASN C 88 0.54 -20.55 -23.92
C ASN C 88 0.59 -21.84 -24.75
N MET C 89 0.40 -21.72 -26.07
CA MET C 89 0.44 -22.92 -26.92
C MET C 89 1.87 -23.42 -27.05
N ALA C 90 1.99 -24.68 -27.43
CA ALA C 90 3.30 -25.32 -27.57
C ALA C 90 4.25 -24.62 -28.52
N LYS C 91 3.83 -24.39 -29.76
CA LYS C 91 4.74 -23.76 -30.71
C LYS C 91 4.76 -22.24 -30.77
N SER C 92 5.90 -21.73 -31.22
CA SER C 92 6.13 -20.30 -31.39
C SER C 92 5.33 -19.82 -32.59
N TYR C 93 4.99 -18.54 -32.59
CA TYR C 93 4.23 -17.94 -33.69
C TYR C 93 4.86 -16.61 -34.06
N PRO C 94 4.94 -16.29 -35.37
CA PRO C 94 4.50 -17.08 -36.52
C PRO C 94 5.49 -18.13 -37.01
N ASN C 95 6.72 -18.05 -36.53
CA ASN C 95 7.77 -18.99 -36.96
C ASN C 95 8.08 -20.05 -35.90
N GLU C 96 7.44 -21.21 -36.00
CA GLU C 96 7.65 -22.27 -35.02
C GLU C 96 9.08 -22.80 -35.03
N GLU C 97 9.76 -22.67 -36.17
CA GLU C 97 11.14 -23.11 -36.29
C GLU C 97 11.96 -22.38 -35.23
N LYS C 98 11.75 -21.07 -35.14
CA LYS C 98 12.45 -20.26 -34.16
C LYS C 98 12.02 -20.75 -32.78
N ASP C 99 12.84 -20.47 -31.78
CA ASP C 99 12.51 -20.90 -30.43
C ASP C 99 11.52 -19.95 -29.76
N ALA C 100 11.07 -18.93 -30.50
CA ALA C 100 10.19 -17.95 -29.91
C ALA C 100 9.25 -17.18 -30.83
N TRP C 101 8.21 -16.62 -30.22
CA TRP C 101 7.21 -15.80 -30.90
C TRP C 101 7.84 -14.48 -31.32
N ASP C 102 7.10 -13.76 -32.16
CA ASP C 102 7.52 -12.42 -32.53
C ASP C 102 6.99 -11.74 -31.27
N VAL C 103 7.84 -10.97 -30.58
CA VAL C 103 7.44 -10.34 -29.32
C VAL C 103 6.19 -9.46 -29.33
N LYS C 104 6.01 -8.64 -30.37
CA LYS C 104 4.83 -7.79 -30.44
C LYS C 104 3.56 -8.63 -30.53
N MET C 105 3.60 -9.67 -31.36
CA MET C 105 2.44 -10.55 -31.53
C MET C 105 2.15 -11.30 -30.25
N LEU C 106 3.18 -11.67 -29.51
CA LEU C 106 2.98 -12.40 -28.26
C LEU C 106 2.27 -11.51 -27.23
N LEU C 107 2.76 -10.28 -27.04
CA LEU C 107 2.13 -9.37 -26.10
C LEU C 107 0.66 -9.18 -26.48
N GLU C 108 0.41 -8.99 -27.77
CA GLU C 108 -0.95 -8.80 -28.25
C GLU C 108 -1.83 -10.02 -27.96
N GLN C 109 -1.32 -11.21 -28.24
CA GLN C 109 -2.07 -12.45 -27.99
C GLN C 109 -2.35 -12.59 -26.49
N PHE C 110 -1.33 -12.36 -25.67
CA PHE C 110 -1.47 -12.45 -24.23
C PHE C 110 -2.60 -11.53 -23.77
N SER C 111 -2.57 -10.30 -24.27
CA SER C 111 -3.59 -9.32 -23.92
C SER C 111 -4.98 -9.81 -24.28
N PHE C 112 -5.11 -10.40 -25.46
CA PHE C 112 -6.39 -10.93 -25.92
C PHE C 112 -6.88 -12.07 -25.04
N ASP C 113 -6.02 -13.08 -24.87
CA ASP C 113 -6.36 -14.25 -24.07
C ASP C 113 -6.63 -13.98 -22.59
N ILE C 114 -5.95 -12.99 -22.03
CA ILE C 114 -6.11 -12.67 -20.59
C ILE C 114 -7.08 -11.52 -20.32
N ALA C 115 -7.69 -11.01 -21.38
CA ALA C 115 -8.63 -9.89 -21.33
C ALA C 115 -9.57 -9.84 -20.13
N GLU C 116 -10.32 -10.92 -19.92
CA GLU C 116 -11.27 -10.96 -18.82
C GLU C 116 -10.59 -10.68 -17.47
N GLU C 117 -9.48 -11.37 -17.21
CA GLU C 117 -8.72 -11.23 -15.96
C GLU C 117 -8.05 -9.85 -15.84
N ALA C 118 -7.54 -9.33 -16.94
CA ALA C 118 -6.85 -8.06 -16.98
C ALA C 118 -7.74 -6.87 -16.60
N SER C 119 -9.00 -6.91 -17.02
CA SER C 119 -9.93 -5.83 -16.71
C SER C 119 -10.10 -5.67 -15.20
N LYS C 120 -9.64 -6.65 -14.43
CA LYS C 120 -9.79 -6.63 -12.98
C LYS C 120 -8.57 -6.20 -12.17
N VAL C 121 -7.47 -5.89 -12.84
CA VAL C 121 -6.25 -5.51 -12.13
C VAL C 121 -5.59 -4.27 -12.70
N CYS C 122 -4.68 -3.68 -11.94
CA CYS C 122 -3.96 -2.49 -12.38
C CYS C 122 -3.09 -2.88 -13.58
N LEU C 123 -2.40 -4.01 -13.48
CA LEU C 123 -1.54 -4.50 -14.55
C LEU C 123 -1.44 -6.02 -14.57
N ALA C 124 -1.20 -6.57 -15.74
CA ALA C 124 -1.05 -8.00 -15.94
C ALA C 124 0.32 -8.17 -16.60
N HIS C 125 1.11 -9.10 -16.09
CA HIS C 125 2.45 -9.33 -16.62
C HIS C 125 2.69 -10.81 -16.91
N LEU C 126 3.28 -11.09 -18.06
CA LEU C 126 3.57 -12.45 -18.48
C LEU C 126 5.06 -12.76 -18.38
N PHE C 127 5.39 -13.82 -17.67
CA PHE C 127 6.78 -14.24 -17.57
C PHE C 127 6.91 -15.48 -18.44
N THR C 128 7.88 -15.46 -19.36
CA THR C 128 8.11 -16.60 -20.24
C THR C 128 9.60 -16.89 -20.36
N TYR C 129 9.93 -17.91 -21.14
CA TYR C 129 11.33 -18.30 -21.35
C TYR C 129 11.46 -18.61 -22.83
N GLN C 130 11.67 -17.55 -23.62
CA GLN C 130 11.80 -17.64 -25.08
C GLN C 130 12.92 -16.70 -25.51
N ASP C 131 13.75 -17.13 -26.44
CA ASP C 131 14.84 -16.27 -26.91
C ASP C 131 14.36 -15.43 -28.10
N PHE C 132 13.84 -14.24 -27.82
CA PHE C 132 13.37 -13.34 -28.87
C PHE C 132 14.52 -12.84 -29.75
N ASP C 133 14.21 -12.52 -31.00
CA ASP C 133 15.20 -12.02 -31.94
C ASP C 133 15.89 -10.75 -31.44
N MET C 134 17.10 -10.51 -31.94
CA MET C 134 17.87 -9.32 -31.59
C MET C 134 18.02 -8.99 -30.12
N GLY C 135 18.14 -10.00 -29.27
CA GLY C 135 18.32 -9.77 -27.85
C GLY C 135 17.20 -9.09 -27.10
N THR C 136 15.99 -9.09 -27.65
CA THR C 136 14.85 -8.48 -26.96
C THR C 136 14.53 -9.31 -25.71
N LEU C 137 14.35 -8.64 -24.57
CA LEU C 137 14.07 -9.32 -23.31
C LEU C 137 12.63 -9.19 -22.82
N GLY C 138 11.97 -8.12 -23.21
CA GLY C 138 10.61 -7.91 -22.78
C GLY C 138 9.92 -6.88 -23.64
N LEU C 139 8.67 -6.59 -23.30
CA LEU C 139 7.89 -5.62 -24.04
C LEU C 139 6.69 -5.23 -23.20
N ALA C 140 6.24 -3.99 -23.35
CA ALA C 140 5.10 -3.50 -22.58
C ALA C 140 4.52 -2.23 -23.18
N TYR C 141 3.22 -2.06 -23.05
CA TYR C 141 2.55 -0.87 -23.55
C TYR C 141 2.89 0.29 -22.62
N VAL C 142 3.13 1.45 -23.22
CA VAL C 142 3.50 2.65 -22.47
C VAL C 142 2.30 3.35 -21.83
N GLY C 143 2.41 3.61 -20.54
CA GLY C 143 1.34 4.27 -19.81
C GLY C 143 1.25 5.75 -20.13
N SER C 144 0.27 6.41 -19.54
CA SER C 144 0.06 7.83 -19.78
C SER C 144 -0.91 8.40 -18.75
N PRO C 145 -0.84 9.72 -18.50
CA PRO C 145 -1.75 10.30 -17.52
C PRO C 145 -3.16 10.46 -18.11
N ARG C 146 -3.25 10.51 -19.44
CA ARG C 146 -4.54 10.67 -20.10
C ARG C 146 -5.49 9.52 -19.82
N ALA C 147 -6.70 9.86 -19.38
CA ALA C 147 -7.72 8.87 -19.07
C ALA C 147 -8.09 8.07 -20.32
N ASN C 148 -8.05 8.74 -21.47
CA ASN C 148 -8.38 8.09 -22.73
C ASN C 148 -7.13 7.68 -23.51
N SER C 149 -6.19 7.07 -22.80
CA SER C 149 -4.95 6.57 -23.38
C SER C 149 -4.82 5.14 -22.85
N HIS C 150 -5.29 4.20 -23.66
CA HIS C 150 -5.33 2.77 -23.32
C HIS C 150 -4.16 2.11 -22.60
N GLY C 151 -3.00 2.08 -23.24
CA GLY C 151 -1.84 1.42 -22.65
C GLY C 151 -1.45 1.72 -21.22
N GLY C 152 -0.63 0.84 -20.66
CA GLY C 152 -0.13 1.02 -19.31
C GLY C 152 -1.09 0.79 -18.16
N VAL C 153 -0.68 1.28 -16.99
CA VAL C 153 -1.46 1.11 -15.77
C VAL C 153 -2.94 1.47 -15.89
N CYS C 154 -3.76 0.66 -15.24
CA CYS C 154 -5.20 0.81 -15.22
C CYS C 154 -5.90 0.28 -16.46
N PRO C 155 -6.86 -0.64 -16.27
CA PRO C 155 -7.60 -1.22 -17.39
C PRO C 155 -8.58 -0.23 -18.06
N LYS C 156 -8.52 -0.17 -19.37
CA LYS C 156 -9.38 0.71 -20.17
C LYS C 156 -9.67 -0.07 -21.45
N ALA C 157 -10.92 -0.52 -21.61
CA ALA C 157 -11.32 -1.30 -22.78
C ALA C 157 -10.83 -0.76 -24.12
N TYR C 158 -10.23 -1.65 -24.91
CA TYR C 158 -9.73 -1.30 -26.23
C TYR C 158 -10.39 -2.32 -27.17
N TYR C 159 -11.25 -1.85 -28.06
CA TYR C 159 -11.91 -2.78 -28.95
C TYR C 159 -10.94 -3.31 -30.01
N SER C 160 -10.88 -4.63 -30.12
CA SER C 160 -10.00 -5.28 -31.08
C SER C 160 -10.83 -5.80 -32.26
N PRO C 161 -10.70 -5.16 -33.42
CA PRO C 161 -11.44 -5.56 -34.62
C PRO C 161 -11.24 -7.03 -34.97
N VAL C 162 -9.98 -7.48 -34.98
CA VAL C 162 -9.69 -8.86 -35.31
C VAL C 162 -10.05 -9.82 -34.17
N GLY C 163 -9.92 -9.37 -32.94
CA GLY C 163 -10.26 -10.22 -31.81
C GLY C 163 -11.76 -10.31 -31.58
N LYS C 164 -12.52 -9.36 -32.13
CA LYS C 164 -13.98 -9.32 -31.97
C LYS C 164 -14.39 -9.25 -30.51
N LYS C 165 -13.65 -8.47 -29.74
CA LYS C 165 -13.95 -8.29 -28.33
C LYS C 165 -13.09 -7.18 -27.78
N ASN C 166 -13.40 -6.75 -26.57
CA ASN C 166 -12.62 -5.71 -25.93
C ASN C 166 -11.45 -6.39 -25.23
N ILE C 167 -10.27 -5.82 -25.40
CA ILE C 167 -9.08 -6.35 -24.75
C ILE C 167 -8.54 -5.17 -23.93
N TYR C 168 -7.54 -5.43 -23.10
CA TYR C 168 -6.96 -4.38 -22.28
C TYR C 168 -5.46 -4.31 -22.51
N LEU C 169 -4.93 -3.10 -22.56
CA LEU C 169 -3.51 -2.91 -22.83
C LEU C 169 -2.68 -2.59 -21.59
N ASN C 170 -3.17 -3.02 -20.43
CA ASN C 170 -2.46 -2.81 -19.17
C ASN C 170 -1.61 -4.06 -18.95
N SER C 171 -0.77 -4.34 -19.94
CA SER C 171 0.07 -5.54 -19.89
C SER C 171 1.50 -5.36 -20.38
N GLY C 172 2.28 -6.41 -20.14
CA GLY C 172 3.68 -6.44 -20.52
C GLY C 172 4.18 -7.84 -20.30
N LEU C 173 5.41 -8.12 -20.72
CA LEU C 173 5.94 -9.45 -20.54
C LEU C 173 7.46 -9.41 -20.37
N THR C 174 7.99 -10.42 -19.71
CA THR C 174 9.42 -10.55 -19.45
C THR C 174 9.86 -11.98 -19.80
N SER C 175 11.01 -12.10 -20.45
CA SER C 175 11.57 -13.41 -20.77
C SER C 175 12.91 -13.48 -20.07
N THR C 176 13.21 -14.62 -19.45
CA THR C 176 14.48 -14.77 -18.76
C THR C 176 15.47 -15.60 -19.58
N LYS C 177 15.19 -15.73 -20.88
CA LYS C 177 16.09 -16.46 -21.78
C LYS C 177 16.56 -15.49 -22.86
N ASN C 178 17.87 -15.48 -23.11
CA ASN C 178 18.43 -14.61 -24.16
C ASN C 178 19.74 -15.17 -24.69
N TYR C 179 19.90 -15.10 -26.01
CA TYR C 179 21.10 -15.61 -26.66
C TYR C 179 21.50 -17.00 -26.17
N GLY C 180 20.56 -17.94 -26.22
CA GLY C 180 20.89 -19.29 -25.80
C GLY C 180 20.85 -19.70 -24.35
N LYS C 181 20.88 -18.74 -23.41
CA LYS C 181 20.83 -19.15 -22.01
C LYS C 181 19.97 -18.30 -21.08
N THR C 182 19.91 -18.73 -19.83
CA THR C 182 19.14 -18.07 -18.80
C THR C 182 19.89 -16.80 -18.38
N ILE C 183 19.19 -15.67 -18.36
CA ILE C 183 19.84 -14.44 -17.95
C ILE C 183 20.03 -14.48 -16.43
N LEU C 184 20.85 -13.57 -15.92
CA LEU C 184 21.12 -13.52 -14.50
C LEU C 184 19.88 -13.03 -13.74
N THR C 185 19.80 -13.37 -12.47
CA THR C 185 18.68 -12.96 -11.65
C THR C 185 18.65 -11.44 -11.60
N LYS C 186 19.82 -10.82 -11.46
CA LYS C 186 19.85 -9.38 -11.37
C LYS C 186 19.41 -8.73 -12.67
N GLU C 187 19.53 -9.46 -13.78
CA GLU C 187 19.12 -8.94 -15.07
C GLU C 187 17.61 -9.11 -15.21
N ALA C 188 17.10 -10.24 -14.73
CA ALA C 188 15.66 -10.49 -14.81
C ALA C 188 14.94 -9.36 -14.05
N ASP C 189 15.47 -9.01 -12.87
CA ASP C 189 14.89 -7.93 -12.06
C ASP C 189 14.77 -6.62 -12.84
N LEU C 190 15.81 -6.26 -13.57
CA LEU C 190 15.81 -5.02 -14.34
C LEU C 190 14.90 -5.03 -15.56
N VAL C 191 14.74 -6.19 -16.18
CA VAL C 191 13.85 -6.28 -17.33
C VAL C 191 12.42 -5.99 -16.91
N THR C 192 11.99 -6.63 -15.82
CA THR C 192 10.63 -6.42 -15.33
C THR C 192 10.49 -5.00 -14.81
N THR C 193 11.50 -4.50 -14.12
CA THR C 193 11.47 -3.14 -13.61
C THR C 193 11.23 -2.21 -14.82
N HIS C 194 11.99 -2.45 -15.88
CA HIS C 194 11.92 -1.68 -17.11
C HIS C 194 10.56 -1.74 -17.81
N GLU C 195 10.05 -2.95 -18.03
CA GLU C 195 8.77 -3.09 -18.71
C GLU C 195 7.66 -2.46 -17.89
N LEU C 196 7.66 -2.72 -16.59
CA LEU C 196 6.66 -2.13 -15.72
C LEU C 196 6.84 -0.60 -15.82
N GLY C 197 8.08 -0.17 -16.03
CA GLY C 197 8.38 1.25 -16.15
C GLY C 197 7.61 1.85 -17.31
N HIS C 198 7.62 1.14 -18.44
CA HIS C 198 6.89 1.59 -19.60
C HIS C 198 5.42 1.63 -19.21
N ASN C 199 4.94 0.59 -18.51
CA ASN C 199 3.54 0.53 -18.09
C ASN C 199 3.21 1.78 -17.26
N PHE C 200 4.12 2.15 -16.37
CA PHE C 200 3.95 3.32 -15.50
C PHE C 200 4.06 4.66 -16.24
N GLY C 201 4.38 4.63 -17.52
CA GLY C 201 4.46 5.86 -18.30
C GLY C 201 5.84 6.35 -18.72
N ALA C 202 6.87 5.58 -18.39
CA ALA C 202 8.23 5.97 -18.74
C ALA C 202 8.61 5.56 -20.16
N GLU C 203 9.29 6.47 -20.84
CA GLU C 203 9.79 6.26 -22.18
C GLU C 203 11.28 6.01 -21.96
N HIS C 204 11.99 5.71 -23.04
CA HIS C 204 13.41 5.48 -22.92
C HIS C 204 14.16 6.76 -22.59
N ASP C 205 15.18 6.63 -21.75
CA ASP C 205 15.99 7.77 -21.37
C ASP C 205 16.70 8.31 -22.60
N PRO C 206 16.78 9.64 -22.75
CA PRO C 206 17.46 10.23 -23.91
C PRO C 206 18.93 9.83 -23.85
N ASP C 207 19.43 9.22 -24.91
CA ASP C 207 20.83 8.79 -24.93
C ASP C 207 21.82 9.93 -25.06
N GLY C 208 21.33 11.10 -25.47
CA GLY C 208 22.22 12.24 -25.63
C GLY C 208 22.25 13.19 -24.44
N LEU C 209 21.35 12.98 -23.49
CA LEU C 209 21.28 13.84 -22.31
C LEU C 209 22.06 13.25 -21.13
N ALA C 210 23.20 13.87 -20.80
CA ALA C 210 24.03 13.40 -19.70
C ALA C 210 23.18 13.15 -18.44
N GLU C 211 22.39 14.15 -18.08
CA GLU C 211 21.51 14.11 -16.91
C GLU C 211 20.82 12.75 -16.74
N CYS C 212 20.21 12.25 -17.81
CA CYS C 212 19.49 10.99 -17.76
C CYS C 212 20.19 9.77 -18.34
N ALA C 213 21.45 9.92 -18.72
CA ALA C 213 22.24 8.82 -19.27
C ALA C 213 23.72 9.05 -18.95
N PRO C 214 24.11 8.94 -17.67
CA PRO C 214 25.48 9.14 -17.21
C PRO C 214 26.52 8.11 -17.66
N ASN C 215 27.78 8.51 -17.59
CA ASN C 215 28.90 7.63 -17.93
C ASN C 215 29.10 6.74 -16.70
N GLU C 216 29.79 5.62 -16.86
CA GLU C 216 29.98 4.72 -15.71
C GLU C 216 30.61 5.48 -14.56
N ASP C 217 31.42 6.47 -14.90
CA ASP C 217 32.10 7.30 -13.92
C ASP C 217 31.09 7.88 -12.92
N GLN C 218 29.92 8.27 -13.42
CA GLN C 218 28.87 8.85 -12.59
C GLN C 218 27.84 7.85 -12.07
N GLY C 219 28.03 6.58 -12.38
CA GLY C 219 27.09 5.57 -11.91
C GLY C 219 26.44 4.78 -13.03
N GLY C 220 26.81 5.10 -14.27
CA GLY C 220 26.26 4.40 -15.41
C GLY C 220 24.84 4.82 -15.76
N LYS C 221 24.25 4.10 -16.71
CA LYS C 221 22.89 4.38 -17.18
C LYS C 221 21.80 3.99 -16.19
N TYR C 222 20.62 4.58 -16.36
CA TYR C 222 19.48 4.27 -15.52
C TYR C 222 18.67 3.15 -16.16
N VAL C 223 17.82 2.50 -15.37
CA VAL C 223 17.04 1.36 -15.82
C VAL C 223 16.26 1.50 -17.13
N MET C 224 15.79 2.70 -17.45
CA MET C 224 15.02 2.89 -18.69
C MET C 224 15.90 3.20 -19.91
N TYR C 225 17.20 2.93 -19.83
CA TYR C 225 18.07 3.16 -20.98
C TYR C 225 17.58 2.20 -22.06
N PRO C 226 17.55 2.64 -23.33
CA PRO C 226 17.09 1.78 -24.43
C PRO C 226 17.88 0.49 -24.66
N ILE C 227 19.17 0.53 -24.36
CA ILE C 227 20.02 -0.65 -24.51
C ILE C 227 20.07 -1.29 -23.12
N ALA C 228 19.65 -2.55 -23.02
CA ALA C 228 19.61 -3.26 -21.76
C ALA C 228 20.89 -3.10 -20.93
N VAL C 229 20.75 -2.53 -19.74
CA VAL C 229 21.88 -2.33 -18.84
C VAL C 229 22.35 -3.66 -18.25
N SER C 230 23.63 -3.72 -17.87
CA SER C 230 24.20 -4.93 -17.28
C SER C 230 23.69 -5.17 -15.87
N GLY C 231 23.53 -4.11 -15.10
CA GLY C 231 23.09 -4.25 -13.72
C GLY C 231 24.31 -4.16 -12.82
N ASP C 232 25.49 -4.05 -13.43
CA ASP C 232 26.74 -3.95 -12.67
C ASP C 232 26.92 -2.58 -12.00
N HIS C 233 26.30 -1.55 -12.57
CA HIS C 233 26.45 -0.19 -12.08
C HIS C 233 25.34 0.38 -11.21
N GLU C 234 25.74 1.31 -10.33
CA GLU C 234 24.83 1.94 -9.37
C GLU C 234 23.49 2.47 -9.89
N ASN C 235 23.52 3.21 -10.99
CA ASN C 235 22.29 3.77 -11.56
C ASN C 235 21.41 2.78 -12.32
N ASN C 236 21.97 1.64 -12.69
CA ASN C 236 21.26 0.62 -13.46
C ASN C 236 19.89 0.21 -12.88
N LYS C 237 19.81 0.16 -11.56
CA LYS C 237 18.56 -0.23 -10.90
C LYS C 237 17.76 0.95 -10.35
N MET C 238 17.97 2.14 -10.91
CA MET C 238 17.24 3.32 -10.45
C MET C 238 16.64 4.04 -11.65
N PHE C 239 15.59 4.83 -11.41
CA PHE C 239 14.96 5.59 -12.47
C PHE C 239 15.62 6.96 -12.56
N SER C 240 15.83 7.42 -13.79
CA SER C 240 16.46 8.72 -14.02
C SER C 240 15.41 9.80 -13.75
N GLN C 241 15.85 11.07 -13.79
CA GLN C 241 14.93 12.18 -13.57
C GLN C 241 13.89 12.24 -14.70
N CYS C 242 14.32 11.84 -15.89
CA CYS C 242 13.43 11.83 -17.04
C CYS C 242 12.32 10.83 -16.82
N SER C 243 12.67 9.70 -16.20
CA SER C 243 11.66 8.68 -15.92
C SER C 243 10.75 9.16 -14.79
N LYS C 244 11.34 9.78 -13.78
CA LYS C 244 10.56 10.29 -12.65
C LYS C 244 9.50 11.27 -13.10
N GLN C 245 9.85 12.11 -14.06
CA GLN C 245 8.90 13.09 -14.58
C GLN C 245 7.70 12.43 -15.25
N SER C 246 7.98 11.56 -16.21
CA SER C 246 6.94 10.84 -16.93
C SER C 246 6.06 10.03 -16.01
N ILE C 247 6.70 9.19 -15.21
CA ILE C 247 5.98 8.32 -14.28
C ILE C 247 5.20 9.13 -13.25
N TYR C 248 5.78 10.22 -12.75
CA TYR C 248 5.08 11.03 -11.77
C TYR C 248 3.74 11.51 -12.36
N LYS C 249 3.80 12.06 -13.57
CA LYS C 249 2.59 12.55 -14.23
C LYS C 249 1.53 11.47 -14.39
N THR C 250 1.96 10.25 -14.70
CA THR C 250 1.03 9.15 -14.86
C THR C 250 0.46 8.73 -13.52
N ILE C 251 1.33 8.52 -12.53
CA ILE C 251 0.90 8.14 -11.20
C ILE C 251 -0.10 9.14 -10.65
N GLU C 252 0.28 10.42 -10.70
CA GLU C 252 -0.56 11.50 -10.20
C GLU C 252 -2.00 11.34 -10.66
N SER C 253 -2.16 11.10 -11.96
CA SER C 253 -3.48 10.93 -12.56
C SER C 253 -4.11 9.54 -12.36
N LYS C 254 -3.39 8.49 -12.75
CA LYS C 254 -3.90 7.13 -12.67
C LYS C 254 -3.95 6.47 -11.29
N ALA C 255 -3.08 6.87 -10.37
CA ALA C 255 -3.08 6.28 -9.03
C ALA C 255 -4.49 6.33 -8.48
N GLN C 256 -5.16 7.46 -8.69
CA GLN C 256 -6.52 7.64 -8.21
C GLN C 256 -7.44 6.64 -8.92
N GLU C 257 -7.19 6.41 -10.20
CA GLU C 257 -7.99 5.49 -10.99
C GLU C 257 -8.00 4.04 -10.54
N CYS C 258 -6.82 3.44 -10.44
CA CYS C 258 -6.75 2.03 -10.10
C CYS C 258 -5.80 1.51 -9.01
N PHE C 259 -5.00 2.38 -8.40
CA PHE C 259 -4.09 1.94 -7.34
C PHE C 259 -4.89 1.64 -6.08
N GLN C 260 -4.38 0.74 -5.25
CA GLN C 260 -5.08 0.35 -4.03
C GLN C 260 -4.20 0.36 -2.78
N GLU C 261 -4.75 -0.17 -1.69
CA GLU C 261 -4.02 -0.24 -0.42
C GLU C 261 -2.98 -1.34 -0.42
N ARG C 262 -1.81 -1.02 0.12
CA ARG C 262 -0.73 -1.97 0.22
C ARG C 262 -1.08 -3.02 1.26
N SER C 263 -1.01 -4.30 0.88
CA SER C 263 -1.34 -5.38 1.81
C SER C 263 -0.13 -5.85 2.62
N PRO D 9 -13.33 23.26 -31.08
CA PRO D 9 -14.56 23.85 -31.65
C PRO D 9 -15.35 22.81 -32.45
N MET D 10 -14.67 22.13 -33.36
CA MET D 10 -15.30 21.10 -34.19
C MET D 10 -15.79 19.96 -33.29
N LYS D 11 -15.16 19.84 -32.12
CA LYS D 11 -15.53 18.82 -31.15
C LYS D 11 -16.71 19.40 -30.38
N ASN D 12 -17.86 19.42 -31.03
CA ASN D 12 -19.08 19.97 -30.45
C ASN D 12 -20.19 18.94 -30.35
N THR D 13 -19.85 17.67 -30.47
CA THR D 13 -20.88 16.65 -30.41
C THR D 13 -20.63 15.56 -29.37
N CYS D 14 -21.64 15.30 -28.54
CA CYS D 14 -21.51 14.25 -27.54
C CYS D 14 -22.10 13.00 -28.15
N LYS D 15 -21.24 12.03 -28.45
CA LYS D 15 -21.66 10.78 -29.06
C LYS D 15 -22.30 9.87 -28.02
N LEU D 16 -23.43 9.29 -28.39
CA LEU D 16 -24.16 8.45 -27.47
C LEU D 16 -24.20 6.97 -27.78
N LEU D 17 -24.27 6.18 -26.71
CA LEU D 17 -24.44 4.75 -26.82
C LEU D 17 -25.89 4.65 -26.35
N VAL D 18 -26.77 4.18 -27.23
CA VAL D 18 -28.17 4.07 -26.90
C VAL D 18 -28.55 2.60 -26.79
N VAL D 19 -29.17 2.24 -25.67
CA VAL D 19 -29.58 0.86 -25.44
C VAL D 19 -31.08 0.78 -25.19
N ALA D 20 -31.75 -0.15 -25.88
CA ALA D 20 -33.17 -0.37 -25.67
C ALA D 20 -33.25 -1.78 -25.09
N ASP D 21 -33.79 -1.91 -23.88
CA ASP D 21 -33.88 -3.23 -23.27
C ASP D 21 -35.04 -4.03 -23.85
N HIS D 22 -35.20 -5.28 -23.42
CA HIS D 22 -36.26 -6.11 -23.95
C HIS D 22 -37.65 -5.54 -23.66
N ARG D 23 -37.77 -4.77 -22.58
CA ARG D 23 -39.06 -4.16 -22.24
C ARG D 23 -39.44 -3.12 -23.29
N PHE D 24 -38.49 -2.25 -23.61
CA PHE D 24 -38.71 -1.20 -24.60
C PHE D 24 -38.94 -1.83 -25.97
N TYR D 25 -38.11 -2.82 -26.31
CA TYR D 25 -38.22 -3.50 -27.60
C TYR D 25 -39.63 -4.04 -27.84
N ARG D 26 -40.13 -4.78 -26.85
CA ARG D 26 -41.46 -5.37 -26.92
C ARG D 26 -42.61 -4.38 -26.90
N TYR D 27 -42.60 -3.49 -25.92
CA TYR D 27 -43.69 -2.53 -25.75
C TYR D 27 -43.67 -1.21 -26.52
N MET D 28 -42.51 -0.73 -26.90
CA MET D 28 -42.46 0.51 -27.66
C MET D 28 -42.14 0.18 -29.12
N GLY D 29 -41.29 -0.82 -29.32
CA GLY D 29 -40.90 -1.19 -30.67
C GLY D 29 -41.76 -2.31 -31.23
N ARG D 30 -42.65 -2.84 -30.40
CA ARG D 30 -43.55 -3.92 -30.78
C ARG D 30 -42.84 -5.15 -31.37
N GLY D 31 -41.70 -5.51 -30.81
CA GLY D 31 -40.96 -6.66 -31.30
C GLY D 31 -40.33 -6.48 -32.66
N GLU D 32 -40.31 -5.24 -33.14
CA GLU D 32 -39.73 -4.94 -34.44
C GLU D 32 -38.44 -4.12 -34.30
N GLU D 33 -37.36 -4.59 -34.93
CA GLU D 33 -36.08 -3.89 -34.85
C GLU D 33 -36.19 -2.51 -35.49
N SER D 34 -36.75 -2.46 -36.68
CA SER D 34 -36.91 -1.21 -37.41
C SER D 34 -37.71 -0.19 -36.58
N THR D 35 -38.86 -0.62 -36.07
CA THR D 35 -39.72 0.26 -35.28
C THR D 35 -39.02 0.79 -34.03
N THR D 36 -38.27 -0.08 -33.36
CA THR D 36 -37.55 0.33 -32.16
C THR D 36 -36.46 1.34 -32.55
N THR D 37 -35.68 0.98 -33.55
CA THR D 37 -34.60 1.83 -34.02
C THR D 37 -35.08 3.21 -34.50
N ASN D 38 -36.10 3.22 -35.36
CA ASN D 38 -36.62 4.48 -35.89
C ASN D 38 -37.11 5.44 -34.81
N TYR D 39 -37.83 4.90 -33.83
CA TYR D 39 -38.36 5.72 -32.74
C TYR D 39 -37.19 6.38 -31.98
N LEU D 40 -36.17 5.59 -31.67
CA LEU D 40 -35.02 6.11 -30.93
C LEU D 40 -34.20 7.11 -31.74
N ILE D 41 -33.98 6.81 -33.02
CA ILE D 41 -33.23 7.72 -33.86
C ILE D 41 -34.00 9.04 -33.97
N GLU D 42 -35.31 8.94 -34.17
CA GLU D 42 -36.12 10.15 -34.27
C GLU D 42 -36.12 10.95 -32.96
N LEU D 43 -36.25 10.26 -31.84
CA LEU D 43 -36.25 10.93 -30.54
C LEU D 43 -34.94 11.66 -30.27
N ILE D 44 -33.81 10.99 -30.47
CA ILE D 44 -32.54 11.67 -30.22
C ILE D 44 -32.39 12.87 -31.15
N ASP D 45 -32.85 12.73 -32.39
CA ASP D 45 -32.77 13.84 -33.35
C ASP D 45 -33.55 15.05 -32.86
N ARG D 46 -34.76 14.82 -32.35
CA ARG D 46 -35.57 15.93 -31.85
C ARG D 46 -34.93 16.55 -30.60
N VAL D 47 -34.33 15.70 -29.77
CA VAL D 47 -33.66 16.21 -28.59
C VAL D 47 -32.45 17.03 -29.05
N ASP D 48 -31.76 16.53 -30.07
CA ASP D 48 -30.59 17.23 -30.61
C ASP D 48 -30.98 18.63 -31.11
N ASP D 49 -32.15 18.75 -31.73
CA ASP D 49 -32.57 20.07 -32.20
C ASP D 49 -32.58 21.09 -31.06
N ILE D 50 -33.02 20.66 -29.88
CA ILE D 50 -33.06 21.55 -28.72
C ILE D 50 -31.65 21.93 -28.31
N TYR D 51 -30.80 20.93 -28.10
CA TYR D 51 -29.42 21.16 -27.68
C TYR D 51 -28.60 21.97 -28.68
N ARG D 52 -28.63 21.54 -29.94
CA ARG D 52 -27.88 22.15 -31.02
C ARG D 52 -28.23 23.62 -31.27
N ASN D 53 -29.49 23.99 -31.03
CA ASN D 53 -29.90 25.37 -31.24
C ASN D 53 -29.87 26.22 -29.97
N THR D 54 -29.31 25.67 -28.90
CA THR D 54 -29.21 26.44 -27.66
C THR D 54 -27.88 27.19 -27.61
N ALA D 55 -27.95 28.48 -27.28
CA ALA D 55 -26.75 29.30 -27.15
C ALA D 55 -26.43 29.32 -25.66
N TRP D 56 -25.61 28.36 -25.25
CA TRP D 56 -25.25 28.20 -23.84
C TRP D 56 -24.64 29.42 -23.17
N ASP D 57 -23.99 30.28 -23.94
CA ASP D 57 -23.39 31.49 -23.38
C ASP D 57 -24.22 32.66 -23.87
N ASN D 58 -25.37 32.36 -24.44
CA ASN D 58 -26.28 33.38 -24.96
C ASN D 58 -25.63 34.19 -26.07
N ALA D 59 -24.53 33.65 -26.61
CA ALA D 59 -23.80 34.31 -27.68
C ALA D 59 -23.42 33.33 -28.80
N GLY D 60 -22.13 33.10 -28.97
CA GLY D 60 -21.68 32.22 -30.03
C GLY D 60 -21.45 30.76 -29.67
N PHE D 61 -21.53 30.42 -28.39
CA PHE D 61 -21.31 29.05 -27.97
C PHE D 61 -22.55 28.19 -28.24
N LYS D 62 -22.75 27.84 -29.50
CA LYS D 62 -23.90 27.03 -29.91
C LYS D 62 -23.48 26.00 -30.95
N GLY D 63 -24.41 25.13 -31.34
CA GLY D 63 -24.07 24.11 -32.31
C GLY D 63 -23.57 22.87 -31.60
N TYR D 64 -23.70 22.86 -30.27
CA TYR D 64 -23.27 21.72 -29.47
C TYR D 64 -24.47 20.80 -29.25
N GLY D 65 -24.32 19.54 -29.62
CA GLY D 65 -25.42 18.62 -29.47
C GLY D 65 -25.07 17.17 -29.25
N ILE D 66 -26.01 16.31 -29.61
CA ILE D 66 -25.85 14.88 -29.43
C ILE D 66 -26.10 14.13 -30.73
N GLN D 67 -25.46 12.96 -30.83
CA GLN D 67 -25.59 12.13 -32.00
C GLN D 67 -25.35 10.69 -31.57
N ILE D 68 -26.18 9.78 -32.08
CA ILE D 68 -26.03 8.38 -31.73
C ILE D 68 -24.76 7.83 -32.36
N GLU D 69 -23.97 7.13 -31.57
CA GLU D 69 -22.73 6.51 -32.05
C GLU D 69 -23.05 5.06 -32.37
N GLN D 70 -23.79 4.43 -31.47
CA GLN D 70 -24.20 3.04 -31.63
C GLN D 70 -25.50 2.77 -30.88
N ILE D 71 -26.35 1.94 -31.46
CA ILE D 71 -27.60 1.58 -30.84
C ILE D 71 -27.61 0.09 -30.61
N ARG D 72 -27.90 -0.30 -29.37
CA ARG D 72 -27.94 -1.71 -28.99
C ARG D 72 -29.38 -2.06 -28.64
N ILE D 73 -29.98 -2.98 -29.39
CA ILE D 73 -31.35 -3.41 -29.13
C ILE D 73 -31.35 -4.79 -28.49
N LEU D 74 -31.76 -4.87 -27.23
CA LEU D 74 -31.83 -6.15 -26.54
C LEU D 74 -33.22 -6.68 -26.87
N LYS D 75 -33.28 -7.74 -27.66
CA LYS D 75 -34.57 -8.29 -28.07
C LYS D 75 -35.22 -9.28 -27.12
N SER D 76 -34.46 -9.74 -26.13
CA SER D 76 -35.01 -10.69 -25.18
C SER D 76 -34.36 -10.48 -23.82
N PRO D 77 -35.06 -10.86 -22.74
CA PRO D 77 -34.47 -10.67 -21.41
C PRO D 77 -33.13 -11.40 -21.28
N GLN D 78 -32.28 -10.88 -20.40
CA GLN D 78 -30.98 -11.48 -20.17
C GLN D 78 -31.13 -12.56 -19.12
N GLU D 79 -30.80 -13.79 -19.47
CA GLU D 79 -30.90 -14.86 -18.51
C GLU D 79 -29.83 -14.69 -17.44
N VAL D 80 -30.23 -14.89 -16.20
CA VAL D 80 -29.33 -14.74 -15.06
C VAL D 80 -29.39 -15.99 -14.18
N LYS D 81 -28.28 -16.32 -13.54
CA LYS D 81 -28.27 -17.47 -12.64
C LYS D 81 -28.76 -17.01 -11.28
N PRO D 82 -29.32 -17.92 -10.48
CA PRO D 82 -29.81 -17.51 -9.16
C PRO D 82 -28.80 -16.69 -8.37
N GLY D 83 -29.28 -15.62 -7.75
CA GLY D 83 -28.40 -14.77 -6.97
C GLY D 83 -27.86 -13.53 -7.66
N GLU D 84 -27.73 -13.57 -8.98
CA GLU D 84 -27.20 -12.41 -9.67
C GLU D 84 -28.26 -11.63 -10.43
N LYS D 85 -27.88 -10.44 -10.89
CA LYS D 85 -28.80 -9.59 -11.62
C LYS D 85 -28.15 -8.92 -12.83
N HIS D 86 -28.99 -8.44 -13.75
CA HIS D 86 -28.56 -7.76 -14.96
C HIS D 86 -29.64 -6.73 -15.26
N TYR D 87 -29.26 -5.55 -15.74
CA TYR D 87 -30.25 -4.52 -16.02
C TYR D 87 -31.31 -4.95 -17.03
N ASN D 88 -31.00 -5.96 -17.85
CA ASN D 88 -31.93 -6.44 -18.86
C ASN D 88 -32.61 -7.76 -18.47
N MET D 89 -32.46 -8.20 -17.23
CA MET D 89 -33.09 -9.44 -16.80
C MET D 89 -34.60 -9.22 -16.85
N ALA D 90 -35.37 -10.30 -16.88
CA ALA D 90 -36.82 -10.20 -16.97
C ALA D 90 -37.52 -9.69 -15.71
N LYS D 91 -37.01 -10.04 -14.54
CA LYS D 91 -37.65 -9.60 -13.30
C LYS D 91 -37.21 -8.23 -12.80
N SER D 92 -38.05 -7.61 -11.98
CA SER D 92 -37.73 -6.32 -11.39
C SER D 92 -36.87 -6.58 -10.17
N TYR D 93 -36.02 -5.63 -9.82
CA TYR D 93 -35.14 -5.76 -8.66
C TYR D 93 -35.18 -4.44 -7.90
N PRO D 94 -35.12 -4.49 -6.56
CA PRO D 94 -35.02 -5.69 -5.72
C PRO D 94 -36.37 -6.29 -5.34
N ASN D 95 -37.45 -5.63 -5.78
CA ASN D 95 -38.81 -6.10 -5.50
C ASN D 95 -39.41 -6.62 -6.79
N GLU D 96 -39.35 -7.94 -7.01
CA GLU D 96 -39.89 -8.50 -8.23
C GLU D 96 -41.41 -8.40 -8.32
N GLU D 97 -42.08 -8.34 -7.18
CA GLU D 97 -43.54 -8.24 -7.17
C GLU D 97 -44.00 -6.93 -7.77
N LYS D 98 -43.07 -5.99 -7.95
CA LYS D 98 -43.38 -4.69 -8.51
C LYS D 98 -43.20 -4.65 -10.03
N ASP D 99 -43.84 -3.69 -10.69
CA ASP D 99 -43.75 -3.58 -12.15
C ASP D 99 -42.35 -3.19 -12.62
N ALA D 100 -41.65 -2.43 -11.80
CA ALA D 100 -40.32 -1.97 -12.18
C ALA D 100 -39.29 -2.05 -11.06
N TRP D 101 -38.06 -1.75 -11.43
CA TRP D 101 -36.93 -1.75 -10.51
C TRP D 101 -36.98 -0.48 -9.71
N ASP D 102 -36.11 -0.41 -8.71
CA ASP D 102 -35.93 0.78 -7.92
C ASP D 102 -35.04 1.52 -8.92
N VAL D 103 -35.49 2.67 -9.41
CA VAL D 103 -34.76 3.42 -10.43
C VAL D 103 -33.27 3.68 -10.15
N LYS D 104 -32.92 3.97 -8.90
CA LYS D 104 -31.53 4.23 -8.56
C LYS D 104 -30.67 2.99 -8.78
N MET D 105 -31.15 1.85 -8.30
CA MET D 105 -30.42 0.60 -8.44
C MET D 105 -30.32 0.16 -9.90
N LEU D 106 -31.36 0.46 -10.68
CA LEU D 106 -31.35 0.09 -12.09
C LEU D 106 -30.28 0.86 -12.85
N LEU D 107 -30.17 2.16 -12.57
CA LEU D 107 -29.18 3.00 -13.23
C LEU D 107 -27.77 2.52 -12.88
N GLU D 108 -27.58 2.16 -11.62
CA GLU D 108 -26.29 1.68 -11.17
C GLU D 108 -25.99 0.33 -11.81
N GLN D 109 -27.01 -0.52 -11.92
CA GLN D 109 -26.79 -1.83 -12.54
C GLN D 109 -26.44 -1.67 -14.01
N PHE D 110 -27.17 -0.78 -14.69
CA PHE D 110 -26.93 -0.50 -16.09
C PHE D 110 -25.48 -0.05 -16.27
N SER D 111 -25.06 0.94 -15.47
CA SER D 111 -23.70 1.45 -15.56
C SER D 111 -22.66 0.35 -15.35
N PHE D 112 -22.94 -0.54 -14.41
CA PHE D 112 -22.05 -1.67 -14.13
C PHE D 112 -21.95 -2.63 -15.32
N ASP D 113 -23.08 -3.03 -15.87
CA ASP D 113 -23.11 -3.98 -16.98
C ASP D 113 -22.61 -3.43 -18.32
N ILE D 114 -22.82 -2.15 -18.55
CA ILE D 114 -22.43 -1.54 -19.82
C ILE D 114 -21.06 -0.85 -19.75
N ALA D 115 -20.43 -0.92 -18.59
CA ALA D 115 -19.14 -0.28 -18.34
C ALA D 115 -18.13 -0.31 -19.48
N GLU D 116 -17.86 -1.52 -19.97
CA GLU D 116 -16.91 -1.74 -21.06
C GLU D 116 -17.23 -0.90 -22.31
N GLU D 117 -18.50 -0.72 -22.61
CA GLU D 117 -18.91 0.07 -23.78
C GLU D 117 -19.07 1.55 -23.46
N ALA D 118 -19.51 1.84 -22.24
CA ALA D 118 -19.72 3.21 -21.81
C ALA D 118 -18.39 3.96 -21.82
N SER D 119 -17.30 3.24 -21.59
CA SER D 119 -15.96 3.86 -21.55
C SER D 119 -15.51 4.38 -22.91
N LYS D 120 -16.22 4.01 -23.97
CA LYS D 120 -15.88 4.42 -25.34
C LYS D 120 -16.67 5.62 -25.85
N VAL D 121 -17.76 5.97 -25.16
CA VAL D 121 -18.59 7.08 -25.61
C VAL D 121 -18.69 8.23 -24.64
N CYS D 122 -19.23 9.34 -25.13
CA CYS D 122 -19.42 10.52 -24.29
C CYS D 122 -20.49 10.18 -23.24
N LEU D 123 -21.58 9.56 -23.69
CA LEU D 123 -22.65 9.15 -22.78
C LEU D 123 -23.33 7.87 -23.22
N ALA D 124 -23.86 7.14 -22.24
CA ALA D 124 -24.61 5.90 -22.48
C ALA D 124 -26.00 6.17 -21.91
N HIS D 125 -27.02 5.82 -22.68
CA HIS D 125 -28.39 6.05 -22.21
C HIS D 125 -29.27 4.84 -22.44
N LEU D 126 -29.98 4.44 -21.40
CA LEU D 126 -30.87 3.29 -21.46
C LEU D 126 -32.32 3.70 -21.62
N PHE D 127 -33.01 3.07 -22.57
CA PHE D 127 -34.43 3.34 -22.77
C PHE D 127 -35.15 2.05 -22.37
N THR D 128 -36.08 2.17 -21.45
CA THR D 128 -36.84 1.02 -20.97
C THR D 128 -38.32 1.38 -20.92
N TYR D 129 -39.12 0.43 -20.45
CA TYR D 129 -40.57 0.62 -20.35
C TYR D 129 -41.03 -0.03 -19.04
N GLN D 130 -41.00 0.73 -17.96
CA GLN D 130 -41.44 0.21 -16.67
C GLN D 130 -41.95 1.35 -15.78
N ASP D 131 -42.97 1.05 -15.01
CA ASP D 131 -43.60 2.05 -14.16
C ASP D 131 -42.92 2.27 -12.82
N PHE D 132 -41.95 3.18 -12.77
CA PHE D 132 -41.25 3.48 -11.52
C PHE D 132 -42.23 4.09 -10.52
N ASP D 133 -42.04 3.80 -9.24
CA ASP D 133 -42.93 4.33 -8.19
C ASP D 133 -42.90 5.86 -8.13
N MET D 134 -44.01 6.44 -7.69
CA MET D 134 -44.15 7.89 -7.52
C MET D 134 -43.98 8.72 -8.79
N GLY D 135 -44.34 8.16 -9.94
CA GLY D 135 -44.25 8.89 -11.19
C GLY D 135 -42.86 9.23 -11.71
N THR D 136 -41.82 8.57 -11.21
CA THR D 136 -40.47 8.84 -11.69
C THR D 136 -40.39 8.38 -13.15
N LEU D 137 -39.88 9.25 -14.02
CA LEU D 137 -39.76 8.93 -15.45
C LEU D 137 -38.34 8.56 -15.87
N GLY D 138 -37.34 9.03 -15.13
CA GLY D 138 -35.97 8.73 -15.47
C GLY D 138 -34.97 9.12 -14.41
N LEU D 139 -33.69 8.90 -14.71
CA LEU D 139 -32.63 9.23 -13.75
C LEU D 139 -31.31 9.34 -14.50
N ALA D 140 -30.44 10.23 -14.03
CA ALA D 140 -29.15 10.44 -14.66
C ALA D 140 -28.17 11.05 -13.67
N TYR D 141 -26.88 10.76 -13.86
CA TYR D 141 -25.82 11.29 -13.01
C TYR D 141 -25.49 12.71 -13.49
N VAL D 142 -25.36 13.63 -12.54
CA VAL D 142 -25.07 15.02 -12.87
C VAL D 142 -23.60 15.27 -13.16
N GLY D 143 -23.33 15.92 -14.30
CA GLY D 143 -21.96 16.23 -14.67
C GLY D 143 -21.47 17.56 -14.10
N SER D 144 -20.19 17.86 -14.29
CA SER D 144 -19.63 19.11 -13.82
C SER D 144 -18.29 19.36 -14.51
N PRO D 145 -17.84 20.62 -14.53
CA PRO D 145 -16.56 20.95 -15.17
C PRO D 145 -15.34 20.43 -14.42
N ARG D 146 -15.52 20.02 -13.18
CA ARG D 146 -14.41 19.51 -12.38
C ARG D 146 -13.76 18.29 -13.02
N ALA D 147 -12.45 18.36 -13.17
CA ALA D 147 -11.68 17.29 -13.77
C ALA D 147 -11.94 15.97 -13.05
N ASN D 148 -12.02 16.02 -11.73
CA ASN D 148 -12.24 14.81 -10.95
C ASN D 148 -13.69 14.54 -10.54
N SER D 149 -14.63 14.97 -11.37
CA SER D 149 -16.04 14.70 -11.07
C SER D 149 -16.30 13.31 -11.62
N HIS D 150 -17.06 12.50 -10.89
CA HIS D 150 -17.33 11.14 -11.34
C HIS D 150 -18.68 10.85 -11.99
N GLY D 151 -19.23 11.82 -12.71
CA GLY D 151 -20.52 11.58 -13.36
C GLY D 151 -20.78 12.54 -14.49
N GLY D 152 -21.81 12.25 -15.29
CA GLY D 152 -22.13 13.14 -16.40
C GLY D 152 -21.25 12.91 -17.61
N VAL D 153 -21.24 13.88 -18.52
CA VAL D 153 -20.45 13.78 -19.75
C VAL D 153 -18.99 13.42 -19.53
N CYS D 154 -18.51 12.57 -20.43
CA CYS D 154 -17.13 12.09 -20.43
C CYS D 154 -16.89 10.98 -19.42
N PRO D 155 -16.50 9.79 -19.91
CA PRO D 155 -16.22 8.64 -19.06
C PRO D 155 -15.00 8.86 -18.17
N LYS D 156 -15.18 8.68 -16.88
CA LYS D 156 -14.09 8.84 -15.92
C LYS D 156 -14.15 7.71 -14.91
N ALA D 157 -13.34 6.68 -15.14
CA ALA D 157 -13.25 5.49 -14.29
C ALA D 157 -13.60 5.73 -12.82
N TYR D 158 -14.39 4.83 -12.27
CA TYR D 158 -14.81 4.88 -10.87
C TYR D 158 -14.91 3.46 -10.34
N TYR D 159 -14.01 3.11 -9.43
CA TYR D 159 -13.98 1.77 -8.85
C TYR D 159 -15.29 1.37 -8.17
N SER D 160 -15.77 0.18 -8.47
CA SER D 160 -16.99 -0.34 -7.87
C SER D 160 -16.61 -1.47 -6.92
N PRO D 161 -16.56 -1.18 -5.62
CA PRO D 161 -16.20 -2.15 -4.58
C PRO D 161 -16.98 -3.46 -4.70
N VAL D 162 -18.29 -3.36 -4.81
CA VAL D 162 -19.15 -4.54 -4.92
C VAL D 162 -18.94 -5.26 -6.25
N GLY D 163 -18.56 -4.52 -7.28
CA GLY D 163 -18.36 -5.12 -8.59
C GLY D 163 -16.94 -5.55 -8.85
N LYS D 164 -16.00 -5.00 -8.09
CA LYS D 164 -14.59 -5.35 -8.23
C LYS D 164 -14.05 -4.97 -9.62
N LYS D 165 -14.37 -3.75 -10.05
CA LYS D 165 -13.90 -3.26 -11.35
C LYS D 165 -14.30 -1.80 -11.53
N ASN D 166 -13.69 -1.15 -12.51
CA ASN D 166 -14.00 0.24 -12.78
C ASN D 166 -15.22 0.35 -13.68
N ILE D 167 -16.09 1.27 -13.33
CA ILE D 167 -17.29 1.52 -14.10
C ILE D 167 -17.33 3.01 -14.38
N TYR D 168 -18.27 3.45 -15.21
CA TYR D 168 -18.38 4.85 -15.55
C TYR D 168 -19.79 5.36 -15.30
N LEU D 169 -19.88 6.61 -14.83
CA LEU D 169 -21.16 7.19 -14.51
C LEU D 169 -21.62 8.23 -15.52
N ASN D 170 -21.22 8.03 -16.78
CA ASN D 170 -21.59 8.90 -17.88
C ASN D 170 -22.84 8.22 -18.45
N SER D 171 -23.82 8.02 -17.58
CA SER D 171 -25.04 7.31 -17.93
C SER D 171 -26.34 7.91 -17.42
N GLY D 172 -27.42 7.44 -18.02
CA GLY D 172 -28.75 7.90 -17.67
C GLY D 172 -29.78 6.97 -18.27
N LEU D 173 -31.03 7.14 -17.89
CA LEU D 173 -32.08 6.31 -18.44
C LEU D 173 -33.38 7.06 -18.54
N THR D 174 -34.23 6.58 -19.44
CA THR D 174 -35.55 7.14 -19.70
C THR D 174 -36.54 5.99 -19.81
N SER D 175 -37.69 6.12 -19.16
CA SER D 175 -38.74 5.11 -19.25
C SER D 175 -39.93 5.77 -19.93
N THR D 176 -40.58 5.10 -20.87
CA THR D 176 -41.72 5.72 -21.52
C THR D 176 -43.05 5.19 -20.99
N LYS D 177 -43.02 4.61 -19.80
CA LYS D 177 -44.22 4.10 -19.14
C LYS D 177 -44.38 4.79 -17.80
N ASN D 178 -45.56 5.36 -17.57
CA ASN D 178 -45.83 6.05 -16.32
C ASN D 178 -47.31 5.93 -15.99
N TYR D 179 -47.59 5.56 -14.74
CA TYR D 179 -48.96 5.38 -14.27
C TYR D 179 -49.79 4.46 -15.16
N GLY D 180 -49.29 3.24 -15.35
CA GLY D 180 -50.01 2.25 -16.14
C GLY D 180 -50.14 2.39 -17.64
N LYS D 181 -49.61 3.46 -18.22
CA LYS D 181 -49.72 3.64 -19.66
C LYS D 181 -48.48 4.28 -20.30
N THR D 182 -48.45 4.31 -21.62
CA THR D 182 -47.33 4.88 -22.35
C THR D 182 -47.40 6.41 -22.26
N ILE D 183 -46.27 7.05 -22.02
CA ILE D 183 -46.27 8.51 -21.94
C ILE D 183 -46.38 9.06 -23.37
N LEU D 184 -46.73 10.34 -23.48
CA LEU D 184 -46.85 10.98 -24.78
C LEU D 184 -45.46 11.11 -25.41
N THR D 185 -45.39 11.10 -26.73
CA THR D 185 -44.12 11.23 -27.42
C THR D 185 -43.43 12.54 -27.02
N LYS D 186 -44.19 13.63 -26.93
CA LYS D 186 -43.61 14.92 -26.56
C LYS D 186 -43.09 14.89 -25.14
N GLU D 187 -43.62 13.98 -24.34
CA GLU D 187 -43.18 13.84 -22.96
C GLU D 187 -41.88 13.02 -22.92
N ALA D 188 -41.78 12.01 -23.77
CA ALA D 188 -40.57 11.20 -23.84
C ALA D 188 -39.40 12.10 -24.21
N ASP D 189 -39.59 12.96 -25.21
CA ASP D 189 -38.56 13.91 -25.64
C ASP D 189 -38.07 14.76 -24.47
N LEU D 190 -39.02 15.22 -23.66
CA LEU D 190 -38.71 16.06 -22.51
C LEU D 190 -37.92 15.32 -21.43
N VAL D 191 -38.31 14.09 -21.15
CA VAL D 191 -37.63 13.29 -20.14
C VAL D 191 -36.16 13.07 -20.53
N THR D 192 -35.93 12.65 -21.77
CA THR D 192 -34.57 12.42 -22.22
C THR D 192 -33.79 13.74 -22.24
N THR D 193 -34.42 14.81 -22.72
CA THR D 193 -33.77 16.12 -22.75
C THR D 193 -33.30 16.48 -21.34
N HIS D 194 -34.17 16.22 -20.38
CA HIS D 194 -33.93 16.50 -18.98
C HIS D 194 -32.81 15.66 -18.36
N GLU D 195 -32.84 14.36 -18.62
CA GLU D 195 -31.83 13.46 -18.08
C GLU D 195 -30.46 13.78 -18.71
N LEU D 196 -30.45 13.98 -20.03
CA LEU D 196 -29.20 14.32 -20.69
C LEU D 196 -28.75 15.64 -20.11
N GLY D 197 -29.73 16.46 -19.71
CA GLY D 197 -29.43 17.76 -19.12
C GLY D 197 -28.61 17.59 -17.85
N HIS D 198 -29.03 16.65 -17.02
CA HIS D 198 -28.29 16.38 -15.80
C HIS D 198 -26.89 15.90 -16.19
N ASN D 199 -26.81 15.02 -17.19
CA ASN D 199 -25.49 14.52 -17.64
C ASN D 199 -24.59 15.69 -18.06
N PHE D 200 -25.19 16.67 -18.75
CA PHE D 200 -24.45 17.84 -19.22
C PHE D 200 -24.08 18.83 -18.11
N GLY D 201 -24.56 18.57 -16.89
CA GLY D 201 -24.22 19.45 -15.78
C GLY D 201 -25.33 20.30 -15.18
N ALA D 202 -26.55 20.17 -15.67
CA ALA D 202 -27.62 20.98 -15.12
C ALA D 202 -28.27 20.34 -13.90
N GLU D 203 -28.54 21.18 -12.91
CA GLU D 203 -29.21 20.75 -11.70
C GLU D 203 -30.63 21.22 -11.90
N HIS D 204 -31.52 20.92 -10.95
CA HIS D 204 -32.90 21.35 -11.08
C HIS D 204 -33.06 22.86 -11.01
N ASP D 205 -33.99 23.40 -11.80
CA ASP D 205 -34.22 24.84 -11.79
C ASP D 205 -34.67 25.28 -10.41
N PRO D 206 -34.07 26.35 -9.88
CA PRO D 206 -34.37 26.92 -8.56
C PRO D 206 -35.82 26.82 -8.14
N ASP D 207 -36.59 27.84 -8.52
CA ASP D 207 -38.01 27.95 -8.18
C ASP D 207 -38.10 29.29 -7.48
N GLY D 208 -37.12 29.55 -6.60
CA GLY D 208 -37.08 30.80 -5.88
C GLY D 208 -36.63 31.91 -6.82
N LEU D 209 -36.01 31.51 -7.93
CA LEU D 209 -35.54 32.45 -8.95
C LEU D 209 -36.54 32.49 -10.10
N ALA D 210 -37.41 33.49 -10.09
CA ALA D 210 -38.44 33.68 -11.10
C ALA D 210 -37.94 33.61 -12.53
N GLU D 211 -36.70 34.04 -12.76
CA GLU D 211 -36.14 34.01 -14.11
C GLU D 211 -35.96 32.57 -14.60
N CYS D 212 -35.63 31.66 -13.69
CA CYS D 212 -35.40 30.26 -14.05
C CYS D 212 -36.62 29.38 -13.81
N ALA D 213 -37.71 30.00 -13.37
CA ALA D 213 -38.95 29.27 -13.11
C ALA D 213 -40.14 30.22 -13.23
N PRO D 214 -40.39 30.72 -14.46
CA PRO D 214 -41.47 31.65 -14.79
C PRO D 214 -42.88 31.13 -14.55
N ASN D 215 -43.84 32.05 -14.44
CA ASN D 215 -45.24 31.69 -14.25
C ASN D 215 -45.75 31.25 -15.61
N GLU D 216 -46.90 30.60 -15.63
CA GLU D 216 -47.50 30.13 -16.86
C GLU D 216 -47.62 31.30 -17.85
N ASP D 217 -47.84 32.49 -17.29
CA ASP D 217 -48.01 33.71 -18.08
C ASP D 217 -46.78 34.11 -18.88
N GLN D 218 -45.60 33.75 -18.40
CA GLN D 218 -44.37 34.09 -19.10
C GLN D 218 -43.70 32.91 -19.80
N GLY D 219 -44.51 31.94 -20.23
CA GLY D 219 -43.95 30.80 -20.94
C GLY D 219 -43.85 29.53 -20.12
N GLY D 220 -44.16 29.62 -18.83
CA GLY D 220 -44.09 28.43 -17.97
C GLY D 220 -42.69 28.01 -17.58
N LYS D 221 -42.60 26.86 -16.91
CA LYS D 221 -41.32 26.34 -16.44
C LYS D 221 -40.41 25.78 -17.53
N TYR D 222 -39.12 25.74 -17.26
CA TYR D 222 -38.17 25.20 -18.22
C TYR D 222 -38.02 23.69 -18.01
N VAL D 223 -37.37 23.03 -18.96
CA VAL D 223 -37.21 21.58 -18.92
C VAL D 223 -36.56 20.99 -17.68
N MET D 224 -35.65 21.71 -17.04
CA MET D 224 -34.99 21.18 -15.84
C MET D 224 -35.76 21.44 -14.54
N TYR D 225 -37.04 21.79 -14.64
CA TYR D 225 -37.83 22.01 -13.44
C TYR D 225 -37.91 20.66 -12.74
N PRO D 226 -37.77 20.62 -11.41
CA PRO D 226 -37.82 19.34 -10.67
C PRO D 226 -39.11 18.54 -10.87
N ILE D 227 -40.22 19.22 -11.08
CA ILE D 227 -41.49 18.55 -11.32
C ILE D 227 -41.69 18.49 -12.82
N ALA D 228 -41.85 17.28 -13.37
CA ALA D 228 -42.01 17.08 -14.80
C ALA D 228 -42.99 18.02 -15.48
N VAL D 229 -42.47 18.87 -16.35
CA VAL D 229 -43.32 19.80 -17.09
C VAL D 229 -44.21 18.98 -18.00
N SER D 230 -45.34 19.55 -18.41
CA SER D 230 -46.27 18.86 -19.29
C SER D 230 -45.86 18.94 -20.75
N GLY D 231 -45.17 20.02 -21.12
CA GLY D 231 -44.75 20.20 -22.49
C GLY D 231 -45.70 21.11 -23.27
N ASP D 232 -46.82 21.50 -22.65
CA ASP D 232 -47.79 22.37 -23.32
C ASP D 232 -47.34 23.83 -23.41
N HIS D 233 -46.47 24.24 -22.51
CA HIS D 233 -46.03 25.63 -22.45
C HIS D 233 -44.72 25.93 -23.16
N GLU D 234 -44.63 27.16 -23.67
CA GLU D 234 -43.48 27.65 -24.41
C GLU D 234 -42.09 27.24 -23.87
N ASN D 235 -41.81 27.59 -22.63
CA ASN D 235 -40.52 27.30 -22.01
C ASN D 235 -40.26 25.83 -21.69
N ASN D 236 -41.31 25.03 -21.60
CA ASN D 236 -41.17 23.62 -21.23
C ASN D 236 -40.01 22.86 -21.89
N LYS D 237 -39.77 23.08 -23.17
CA LYS D 237 -38.69 22.36 -23.83
C LYS D 237 -37.38 23.14 -24.03
N MET D 238 -37.24 24.26 -23.34
CA MET D 238 -36.04 25.07 -23.42
C MET D 238 -35.30 24.99 -22.08
N PHE D 239 -34.04 25.37 -22.08
CA PHE D 239 -33.23 25.38 -20.88
C PHE D 239 -33.23 26.77 -20.28
N SER D 240 -33.33 26.87 -18.96
CA SER D 240 -33.33 28.16 -18.28
C SER D 240 -31.91 28.74 -18.29
N GLN D 241 -31.78 29.99 -17.87
CA GLN D 241 -30.46 30.63 -17.81
C GLN D 241 -29.63 29.92 -16.74
N CYS D 242 -30.32 29.30 -15.78
CA CYS D 242 -29.66 28.55 -14.71
C CYS D 242 -29.02 27.30 -15.30
N SER D 243 -29.75 26.63 -16.17
CA SER D 243 -29.24 25.43 -16.80
C SER D 243 -28.11 25.78 -17.78
N LYS D 244 -28.30 26.87 -18.54
CA LYS D 244 -27.30 27.29 -19.50
C LYS D 244 -25.95 27.54 -18.84
N GLN D 245 -25.96 28.25 -17.71
CA GLN D 245 -24.72 28.54 -17.02
C GLN D 245 -24.03 27.26 -16.56
N SER D 246 -24.78 26.37 -15.90
CA SER D 246 -24.22 25.10 -15.41
C SER D 246 -23.65 24.26 -16.55
N ILE D 247 -24.42 24.15 -17.62
CA ILE D 247 -24.01 23.33 -18.77
C ILE D 247 -22.87 23.98 -19.57
N TYR D 248 -22.90 25.30 -19.69
CA TYR D 248 -21.85 26.01 -20.41
C TYR D 248 -20.50 25.72 -19.78
N LYS D 249 -20.43 25.88 -18.47
CA LYS D 249 -19.19 25.65 -17.74
C LYS D 249 -18.72 24.20 -17.93
N THR D 250 -19.66 23.28 -17.89
CA THR D 250 -19.34 21.86 -18.04
C THR D 250 -18.85 21.54 -19.45
N ILE D 251 -19.57 21.99 -20.47
CA ILE D 251 -19.19 21.74 -21.84
C ILE D 251 -17.83 22.38 -22.13
N GLU D 252 -17.66 23.61 -21.66
CA GLU D 252 -16.44 24.34 -21.88
C GLU D 252 -15.24 23.51 -21.41
N SER D 253 -15.39 22.87 -20.27
CA SER D 253 -14.33 22.06 -19.69
C SER D 253 -14.16 20.67 -20.30
N LYS D 254 -15.26 19.96 -20.50
CA LYS D 254 -15.22 18.60 -21.02
C LYS D 254 -15.26 18.40 -22.53
N ALA D 255 -15.64 19.43 -23.29
CA ALA D 255 -15.73 19.31 -24.74
C ALA D 255 -14.44 18.78 -25.38
N GLN D 256 -13.32 19.44 -25.09
CA GLN D 256 -12.06 19.02 -25.67
C GLN D 256 -11.66 17.61 -25.26
N GLU D 257 -12.18 17.15 -24.13
CA GLU D 257 -11.84 15.80 -23.67
C GLU D 257 -12.63 14.67 -24.33
N CYS D 258 -13.95 14.81 -24.43
CA CYS D 258 -14.72 13.72 -25.02
C CYS D 258 -15.72 14.05 -26.11
N PHE D 259 -15.82 15.31 -26.52
CA PHE D 259 -16.73 15.65 -27.61
C PHE D 259 -16.02 15.40 -28.94
N GLN D 260 -16.78 15.10 -29.98
CA GLN D 260 -16.23 14.84 -31.30
C GLN D 260 -16.94 15.72 -32.32
N GLU D 261 -16.57 15.60 -33.59
CA GLU D 261 -17.20 16.44 -34.61
C GLU D 261 -18.48 15.86 -35.22
N ARG D 262 -19.19 16.74 -35.94
CA ARG D 262 -20.45 16.46 -36.65
C ARG D 262 -21.58 17.38 -36.23
C1 792 E . -0.32 13.92 43.54
C2 792 E . -1.66 14.41 43.43
C3 792 E . -2.53 13.97 42.36
C4 792 E . -2.03 13.00 41.41
C5 792 E . -0.69 12.53 41.53
C6 792 E . 0.17 12.97 42.59
S7 792 E . -6.30 18.08 40.26
C8 792 E . -5.86 18.40 38.57
C9 792 E . -6.59 17.76 37.51
C10 792 E . -6.23 18.02 36.15
C11 792 E . -5.16 18.93 35.85
C12 792 E . -4.42 19.57 36.91
C13 792 E . -4.78 19.32 38.28
O14 792 E . -4.87 19.11 34.48
C15 792 E . -4.98 20.43 33.90
C16 792 E . -6.39 20.87 33.76
C17 792 E . -7.50 21.28 33.67
O19 792 E . -6.14 19.30 41.00
O20 792 E . -7.64 17.54 40.27
N21 792 E . -2.39 15.31 44.18
C22 792 E . -3.64 15.46 43.66
C23 792 E . -3.81 14.65 42.52
C24 792 E . -5.09 14.54 41.66
C25 792 E . -5.17 15.53 40.45
C26 792 E . -4.00 15.34 39.51
N27 792 E . -5.28 16.93 40.93
O28 792 E . -3.03 16.06 39.66
O29 792 E . -4.06 14.43 38.68
C48 792 E . -0.18 11.54 40.55
ZN ZN F . -1.69 15.51 38.37
C1 792 G . 29.16 -9.66 17.61
C2 792 G . 28.20 -10.60 17.10
C3 792 G . 28.39 -11.24 15.80
C4 792 G . 29.57 -10.92 15.04
C5 792 G . 30.52 -9.99 15.56
C6 792 G . 30.33 -9.35 16.83
S7 792 G . 23.42 -12.28 12.86
C8 792 G . 23.45 -11.39 11.32
C9 792 G . 23.87 -12.05 10.11
C10 792 G . 23.89 -11.34 8.88
C11 792 G . 23.51 -9.97 8.83
C12 792 G . 23.08 -9.28 10.04
C13 792 G . 23.06 -10.01 11.29
O14 792 G . 23.56 -9.34 7.56
C15 792 G . 22.48 -8.47 7.15
C16 792 G . 21.31 -9.26 6.69
C17 792 G . 20.36 -9.87 6.34
C18 792 G . 19.17 -10.61 5.93
O19 792 G . 22.33 -11.77 13.64
O20 792 G . 23.36 -13.68 12.54
N21 792 G . 27.00 -11.09 17.60
C22 792 G . 26.45 -11.98 16.72
C23 792 G . 27.25 -12.12 15.57
C24 792 G . 26.98 -13.01 14.37
C25 792 G . 26.15 -12.36 13.22
C26 792 G . 26.86 -11.20 12.56
N27 792 G . 24.81 -11.99 13.72
O28 792 G . 26.54 -10.04 12.86
O29 792 G . 27.76 -11.45 11.77
C48 792 G . 31.71 -9.67 14.77
ZN ZN H . 27.67 -8.78 12.26
C1 792 I . 10.87 1.23 -28.58
C2 792 I . 11.32 -0.12 -28.43
C3 792 I . 10.81 -0.96 -27.35
C4 792 I . 9.85 -0.41 -26.43
C5 792 I . 9.42 0.95 -26.58
C6 792 I . 9.92 1.77 -27.64
S7 792 I . 14.74 -4.66 -24.99
C8 792 I . 15.00 -4.21 -23.28
C9 792 I . 14.39 -5.00 -22.25
C10 792 I . 14.62 -4.67 -20.88
C11 792 I . 15.45 -3.56 -20.54
C12 792 I . 16.07 -2.75 -21.58
C13 792 I . 15.85 -3.09 -22.95
O14 792 I . 15.61 -3.30 -19.15
C15 792 I . 16.94 -3.17 -18.63
C16 792 I . 17.60 -4.48 -18.46
C17 792 I . 18.15 -5.51 -18.32
C18 792 I . 18.87 -6.78 -18.16
O19 792 I . 15.97 -4.46 -25.67
O20 792 I . 14.24 -6.01 -24.99
N21 792 I . 12.21 -0.91 -29.14
C22 792 I . 12.28 -2.15 -28.59
C23 792 I . 11.45 -2.28 -27.48
C24 792 I . 11.28 -3.53 -26.61
C25 792 I . 12.21 -3.63 -25.35
C26 792 I . 11.95 -2.49 -24.40
N27 792 I . 13.62 -3.69 -25.74
O28 792 I . 12.63 -1.48 -24.52
O29 792 I . 11.07 -2.61 -23.55
C48 792 I . 8.44 1.50 -25.63
ZN ZN J . 12.13 -0.25 -23.19
C1 792 K . -32.76 14.99 -7.37
C2 792 K . -33.80 14.11 -7.84
C3 792 K . -33.66 13.42 -9.12
C4 792 K . -32.47 13.63 -9.90
C5 792 K . -31.46 14.51 -9.42
C6 792 K . -31.59 15.18 -8.17
S7 792 K . -38.60 12.76 -12.18
C8 792 K . -38.44 13.69 -13.69
C9 792 K . -38.01 13.03 -14.89
C10 792 K . -37.89 13.77 -16.10
C11 792 K . -38.20 15.17 -16.12
C12 792 K . -38.64 15.84 -14.91
C13 792 K . -38.76 15.09 -13.69
O14 792 K . -38.05 15.83 -17.37
C15 792 K . -39.07 16.76 -17.79
C16 792 K . -40.28 16.06 -18.32
C17 792 K . -41.26 15.53 -18.73
C18 792 K . -42.48 14.89 -19.23
O19 792 K . -39.69 13.31 -11.43
O20 792 K . -38.74 11.37 -12.54
N21 792 K . -35.02 13.72 -7.31
C22 792 K . -35.63 12.86 -8.16
C23 792 K . -34.85 12.63 -9.30
C24 792 K . -35.21 11.72 -10.49
C25 792 K . -35.93 12.42 -11.69
C26 792 K . -35.10 13.51 -12.33
N27 792 K . -37.24 12.92 -11.26
O28 792 K . -35.29 14.68 -11.99
O29 792 K . -34.27 13.18 -13.17
C48 792 K . -30.25 14.71 -10.24
ZN ZN L . -34.15 15.89 -12.72
#